data_4PEV
#
_entry.id   4PEV
#
_cell.length_a   70.979
_cell.length_b   109.601
_cell.length_c   180.559
_cell.angle_alpha   90.000
_cell.angle_beta   90.000
_cell.angle_gamma   90.000
#
_symmetry.space_group_name_H-M   'P 21 21 21'
#
loop_
_entity.id
_entity.type
_entity.pdbx_description
1 polymer 'Membrane lipoprotein family protein'
2 non-polymer ADENOSINE
3 non-polymer GLYCEROL
4 water water
#
_entity_poly.entity_id   1
_entity_poly.type   'polypeptide(L)'
_entity_poly.pdbx_seq_one_letter_code
;AFVITSRGGGEAPVGGEATGTTTPPQATGEETTTPAAYETTTSVATTEQARPISVLVLFDVGGRGDLSFND(MSE)AALG
ADRAAEELGVDVVFQTPQSLAV(MSE)ESVLDAASRSGEYDLIVLVGFLWQEPLEKVAPRYPEQKYALIDAATRERYDNV
ASYLFREQEVASLVGIIAADIANNISKATGEEAKAGAVAG(MSE)DIPPLWRFHIGYLYGVQYYNQA(MSE)GTDVE
(MSE)VWTYTGRFDDPTLGKTTAEQ(MSE)LQQGVRVFYGVAGLTHVG(MSE)FNAVKEAAARGVIAFSIGQDASQEWYD
PQTIIISGLKRVDVAVYTAIKDVVEGRFRGGIVSLGLKEGGLGLSDEEIIRYFAEIAAETGQLPEGLTPEKVVEIV
(MSE)SQREKWISNDGWRLVEELKQKIISGEIKFVTPQDHDTYDSIIEELKAGNLEAALES
;
_entity_poly.pdbx_strand_id   A,B,C
#
# COMPACT_ATOMS: atom_id res chain seq x y z
N PRO A 52 1.84 5.04 24.78
CA PRO A 52 1.32 5.99 23.78
C PRO A 52 -0.17 6.39 24.01
N ILE A 53 -0.46 7.68 23.84
CA ILE A 53 -1.81 8.20 24.01
C ILE A 53 -2.68 7.72 22.85
N SER A 54 -3.93 7.39 23.15
CA SER A 54 -4.81 6.72 22.20
C SER A 54 -6.09 7.52 21.95
N VAL A 55 -6.32 7.85 20.68
CA VAL A 55 -7.44 8.71 20.29
C VAL A 55 -8.41 8.01 19.37
N LEU A 56 -9.71 8.21 19.57
CA LEU A 56 -10.73 7.79 18.62
C LEU A 56 -11.31 9.03 17.97
N VAL A 57 -11.20 9.10 16.65
CA VAL A 57 -11.84 10.15 15.86
C VAL A 57 -13.12 9.58 15.30
N LEU A 58 -14.24 10.15 15.68
CA LEU A 58 -15.51 9.57 15.39
C LEU A 58 -16.27 10.55 14.49
N PHE A 59 -16.38 10.19 13.21
CA PHE A 59 -17.03 11.00 12.21
C PHE A 59 -18.56 10.97 12.33
N ASP A 60 -19.17 12.00 11.79
CA ASP A 60 -20.62 12.24 11.86
C ASP A 60 -21.37 11.28 10.94
N VAL A 61 -21.15 11.52 9.65
CA VAL A 61 -21.78 10.76 8.60
C VAL A 61 -20.74 10.47 7.53
N GLY A 62 -19.79 11.39 7.32
CA GLY A 62 -18.84 11.22 6.24
C GLY A 62 -17.70 10.28 6.58
N GLY A 63 -16.64 10.44 5.83
CA GLY A 63 -15.38 9.80 6.13
C GLY A 63 -14.32 10.70 5.54
N ARG A 64 -13.13 10.16 5.38
CA ARG A 64 -12.15 10.81 4.56
C ARG A 64 -12.62 10.65 3.10
N GLY A 65 -12.11 11.49 2.19
CA GLY A 65 -12.57 11.54 0.80
C GLY A 65 -13.33 12.82 0.55
N ASP A 66 -14.04 13.28 1.57
CA ASP A 66 -14.61 14.62 1.71
C ASP A 66 -14.04 15.75 0.83
N LEU A 67 -12.72 15.96 0.92
CA LEU A 67 -11.95 17.13 0.40
C LEU A 67 -12.11 18.42 1.22
N SER A 68 -12.79 18.31 2.34
CA SER A 68 -13.29 19.46 3.03
C SER A 68 -13.35 19.14 4.54
N PHE A 69 -14.54 19.23 5.13
CA PHE A 69 -14.74 19.09 6.57
C PHE A 69 -13.97 17.96 7.28
N ASN A 70 -14.26 16.73 6.88
CA ASN A 70 -13.69 15.55 7.52
C ASN A 70 -12.22 15.33 7.20
N ASP A 71 -11.82 15.61 5.96
CA ASP A 71 -10.41 15.52 5.60
C ASP A 71 -9.57 16.51 6.39
N ALA A 73 -10.37 17.59 9.58
CA ALA A 73 -10.24 16.87 10.85
C ALA A 73 -9.17 15.78 10.79
N ALA A 74 -9.22 14.91 9.79
CA ALA A 74 -8.23 13.84 9.62
C ALA A 74 -6.82 14.41 9.53
N LEU A 75 -6.67 15.42 8.69
CA LEU A 75 -5.38 16.08 8.56
C LEU A 75 -4.83 16.47 9.95
N GLY A 76 -5.63 17.15 10.75
CA GLY A 76 -5.22 17.50 12.09
C GLY A 76 -4.80 16.28 12.88
N ALA A 77 -5.55 15.20 12.73
CA ALA A 77 -5.32 14.00 13.51
C ALA A 77 -4.11 13.25 13.02
N ASP A 78 -3.87 13.30 11.71
CA ASP A 78 -2.69 12.68 11.12
C ASP A 78 -1.44 13.43 11.57
N ARG A 79 -1.50 14.76 11.55
CA ARG A 79 -0.40 15.60 12.06
C ARG A 79 -0.06 15.27 13.54
N ALA A 80 -1.07 15.04 14.38
CA ALA A 80 -0.82 14.61 15.78
C ALA A 80 -0.17 13.22 15.86
N ALA A 81 -0.62 12.29 15.00
CA ALA A 81 -0.02 10.96 14.88
C ALA A 81 1.48 11.05 14.55
N GLU A 82 1.84 11.92 13.62
CA GLU A 82 3.24 12.07 13.18
C GLU A 82 4.09 12.95 14.10
N GLU A 83 3.52 14.01 14.66
CA GLU A 83 4.28 14.99 15.41
C GLU A 83 4.31 14.72 16.92
N LEU A 84 3.39 13.92 17.44
CA LEU A 84 3.27 13.68 18.90
C LEU A 84 3.21 12.21 19.31
N GLY A 85 3.35 11.29 18.35
CA GLY A 85 3.39 9.86 18.66
C GLY A 85 2.11 9.18 19.06
N VAL A 86 0.96 9.86 19.00
CA VAL A 86 -0.30 9.23 19.42
C VAL A 86 -0.83 8.19 18.41
N ASP A 87 -1.61 7.21 18.92
CA ASP A 87 -2.39 6.26 18.08
C ASP A 87 -3.78 6.77 17.84
N VAL A 88 -4.25 6.63 16.60
CA VAL A 88 -5.53 7.17 16.19
C VAL A 88 -6.35 6.15 15.43
N VAL A 89 -7.60 6.00 15.84
CA VAL A 89 -8.57 5.18 15.14
C VAL A 89 -9.62 6.11 14.56
N PHE A 90 -9.98 5.91 13.29
CA PHE A 90 -11.07 6.63 12.61
C PHE A 90 -12.31 5.75 12.45
N GLN A 91 -13.47 6.20 12.90
CA GLN A 91 -14.70 5.44 12.71
C GLN A 91 -15.87 6.31 12.27
N THR A 92 -16.71 5.76 11.39
CA THR A 92 -18.01 6.33 11.11
C THR A 92 -19.08 5.36 11.61
N PRO A 93 -20.11 5.85 12.30
CA PRO A 93 -21.20 4.94 12.66
C PRO A 93 -21.98 4.46 11.44
N GLN A 94 -22.66 3.34 11.58
CA GLN A 94 -23.50 2.80 10.51
C GLN A 94 -24.54 3.81 10.05
N SER A 95 -25.12 4.54 11.00
CA SER A 95 -26.23 5.42 10.74
C SER A 95 -26.43 6.36 11.93
N LEU A 96 -27.22 7.42 11.72
CA LEU A 96 -27.60 8.34 12.80
C LEU A 96 -28.21 7.61 13.97
N ALA A 97 -28.92 6.51 13.70
CA ALA A 97 -29.73 5.82 14.70
C ALA A 97 -28.84 5.31 15.81
N VAL A 98 -27.68 4.85 15.40
CA VAL A 98 -26.83 4.03 16.22
C VAL A 98 -25.64 4.80 16.84
N GLU A 100 -25.45 7.14 19.46
CA GLU A 100 -25.39 7.10 20.91
C GLU A 100 -24.82 5.76 21.39
N SER A 101 -25.24 4.68 20.73
CA SER A 101 -24.75 3.35 21.06
C SER A 101 -23.22 3.25 20.82
N VAL A 102 -22.78 3.69 19.66
CA VAL A 102 -21.36 3.68 19.30
C VAL A 102 -20.51 4.48 20.29
N LEU A 103 -21.04 5.63 20.72
CA LEU A 103 -20.34 6.50 21.64
C LEU A 103 -20.25 5.93 23.06
N ASP A 104 -21.30 5.20 23.45
CA ASP A 104 -21.34 4.52 24.73
C ASP A 104 -20.35 3.32 24.78
N ALA A 105 -20.30 2.52 23.72
CA ALA A 105 -19.31 1.44 23.56
C ALA A 105 -17.89 1.96 23.64
N ALA A 106 -17.61 3.00 22.87
CA ALA A 106 -16.29 3.60 22.83
C ALA A 106 -15.87 4.05 24.21
N SER A 107 -16.76 4.78 24.88
CA SER A 107 -16.47 5.28 26.23
C SER A 107 -16.31 4.16 27.25
N ARG A 108 -17.22 3.19 27.21
CA ARG A 108 -17.24 2.06 28.14
C ARG A 108 -16.04 1.10 28.04
N SER A 109 -15.41 1.06 26.88
CA SER A 109 -14.29 0.17 26.65
C SER A 109 -13.02 0.65 27.37
N GLY A 110 -12.93 1.96 27.63
CA GLY A 110 -11.74 2.54 28.27
C GLY A 110 -10.47 2.48 27.43
N GLU A 111 -10.59 2.21 26.14
CA GLU A 111 -9.43 2.12 25.25
C GLU A 111 -8.83 3.46 24.81
N TYR A 112 -9.57 4.55 24.99
CA TYR A 112 -9.28 5.82 24.30
C TYR A 112 -9.19 6.96 25.30
N ASP A 113 -8.03 7.62 25.32
CA ASP A 113 -7.75 8.69 26.26
C ASP A 113 -8.58 9.91 25.93
N LEU A 114 -8.80 10.11 24.64
CA LEU A 114 -9.68 11.17 24.14
C LEU A 114 -10.50 10.63 23.01
N ILE A 115 -11.78 10.98 23.00
CA ILE A 115 -12.67 10.67 21.91
C ILE A 115 -13.01 11.98 21.25
N VAL A 116 -12.66 12.11 19.97
CA VAL A 116 -12.93 13.32 19.21
C VAL A 116 -14.15 13.11 18.33
N LEU A 117 -15.13 13.99 18.46
CA LEU A 117 -16.40 13.84 17.76
C LEU A 117 -16.55 14.93 16.71
N VAL A 118 -16.57 14.54 15.44
CA VAL A 118 -16.44 15.52 14.37
C VAL A 118 -17.77 15.73 13.70
N GLY A 119 -18.49 16.77 14.13
CA GLY A 119 -19.82 17.10 13.59
C GLY A 119 -20.84 17.47 14.66
N PHE A 120 -21.82 18.26 14.26
CA PHE A 120 -22.82 18.78 15.19
C PHE A 120 -23.83 17.71 15.60
N LEU A 121 -23.96 16.66 14.80
CA LEU A 121 -24.98 15.65 15.08
C LEU A 121 -24.57 14.80 16.27
N TRP A 122 -23.29 14.88 16.63
CA TRP A 122 -22.77 14.32 17.89
C TRP A 122 -23.20 15.06 19.14
N GLN A 123 -23.72 16.26 19.01
CA GLN A 123 -24.00 17.06 20.18
C GLN A 123 -25.05 16.43 21.07
N GLU A 124 -26.11 15.93 20.46
CA GLU A 124 -27.25 15.39 21.21
C GLU A 124 -26.87 14.08 21.94
N PRO A 125 -26.24 13.13 21.21
CA PRO A 125 -25.70 11.92 21.86
C PRO A 125 -24.66 12.16 22.97
N LEU A 126 -23.78 13.14 22.80
CA LEU A 126 -22.77 13.44 23.81
C LEU A 126 -23.40 13.96 25.08
N GLU A 127 -24.46 14.77 24.95
CA GLU A 127 -25.16 15.33 26.11
C GLU A 127 -25.69 14.22 27.04
N LYS A 128 -26.09 13.12 26.43
CA LYS A 128 -26.61 11.98 27.19
C LYS A 128 -25.50 11.06 27.69
N VAL A 129 -24.45 10.87 26.89
CA VAL A 129 -23.39 9.92 27.23
C VAL A 129 -22.30 10.48 28.15
N ALA A 130 -21.96 11.75 28.01
CA ALA A 130 -20.84 12.32 28.74
C ALA A 130 -20.94 12.24 30.27
N PRO A 131 -22.15 12.47 30.83
CA PRO A 131 -22.30 12.37 32.30
C PRO A 131 -22.21 10.95 32.86
N ARG A 132 -22.51 9.95 32.03
CA ARG A 132 -22.34 8.56 32.41
C ARG A 132 -20.89 8.13 32.50
N TYR A 133 -19.96 8.84 31.84
CA TYR A 133 -18.54 8.45 31.89
C TYR A 133 -17.67 9.65 32.22
N PRO A 134 -17.75 10.14 33.48
CA PRO A 134 -17.16 11.42 33.85
C PRO A 134 -15.65 11.41 33.76
N GLU A 135 -15.07 10.22 33.62
CA GLU A 135 -13.63 10.08 33.45
C GLU A 135 -13.17 9.80 32.02
N GLN A 136 -14.09 9.78 31.07
CA GLN A 136 -13.74 9.77 29.65
C GLN A 136 -13.63 11.21 29.17
N LYS A 137 -12.52 11.56 28.57
CA LYS A 137 -12.40 12.89 27.99
C LYS A 137 -12.93 12.85 26.57
N TYR A 138 -13.69 13.89 26.22
CA TYR A 138 -14.29 14.05 24.91
C TYR A 138 -13.93 15.44 24.38
N ALA A 139 -13.87 15.55 23.06
CA ALA A 139 -13.72 16.84 22.38
C ALA A 139 -14.74 16.91 21.24
N LEU A 140 -15.63 17.89 21.29
CA LEU A 140 -16.71 18.00 20.32
C LEU A 140 -16.36 19.12 19.36
N ILE A 141 -16.33 18.79 18.07
CA ILE A 141 -15.84 19.71 17.03
C ILE A 141 -16.99 20.24 16.18
N ASP A 142 -17.04 21.57 16.01
CA ASP A 142 -18.07 22.26 15.22
C ASP A 142 -19.39 22.39 15.98
N ALA A 143 -19.37 22.08 17.26
CA ALA A 143 -20.54 22.25 18.12
C ALA A 143 -20.15 22.43 19.57
N ALA A 144 -21.15 22.82 20.36
CA ALA A 144 -21.02 23.01 21.79
C ALA A 144 -22.23 22.41 22.49
N THR A 145 -21.92 21.67 23.54
CA THR A 145 -22.89 21.05 24.40
C THR A 145 -23.62 22.17 25.17
N ARG A 146 -24.91 21.99 25.49
CA ARG A 146 -25.70 23.03 26.17
C ARG A 146 -25.27 23.31 27.62
N GLU A 147 -25.06 22.24 28.38
CA GLU A 147 -24.54 22.32 29.76
C GLU A 147 -23.04 22.18 29.70
N ARG A 148 -22.33 22.79 30.64
CA ARG A 148 -20.88 22.61 30.71
C ARG A 148 -20.61 21.27 31.39
N TYR A 149 -19.67 20.51 30.84
CA TYR A 149 -19.23 19.28 31.46
C TYR A 149 -17.72 19.40 31.60
N ASP A 150 -17.16 18.79 32.65
CA ASP A 150 -15.72 18.82 32.89
C ASP A 150 -14.99 17.95 31.93
N ASN A 151 -15.64 16.89 31.48
CA ASN A 151 -15.02 15.93 30.58
C ASN A 151 -15.29 16.21 29.11
N VAL A 152 -15.74 17.43 28.77
CA VAL A 152 -16.04 17.77 27.38
C VAL A 152 -15.44 19.12 26.98
N ALA A 153 -14.56 19.11 25.99
CA ALA A 153 -14.06 20.34 25.37
C ALA A 153 -14.74 20.57 24.00
N SER A 154 -15.34 21.74 23.82
CA SER A 154 -16.14 22.01 22.63
C SER A 154 -15.45 23.09 21.78
N TYR A 155 -15.32 22.81 20.49
CA TYR A 155 -14.70 23.72 19.53
C TYR A 155 -15.74 24.19 18.54
N LEU A 156 -16.06 25.47 18.66
CA LEU A 156 -17.11 26.13 17.92
C LEU A 156 -16.48 27.13 16.98
N PHE A 157 -17.13 27.37 15.86
CA PHE A 157 -16.67 28.37 14.93
C PHE A 157 -17.74 29.42 14.80
N ARG A 158 -17.32 30.64 14.50
CA ARG A 158 -18.25 31.74 14.30
C ARG A 158 -18.33 31.95 12.78
N GLU A 159 -18.91 30.96 12.08
CA GLU A 159 -18.86 30.91 10.60
C GLU A 159 -19.43 32.12 9.91
N GLN A 160 -20.36 32.82 10.53
CA GLN A 160 -20.83 34.10 9.98
C GLN A 160 -19.64 34.98 9.56
N GLU A 161 -18.60 35.02 10.37
CA GLU A 161 -17.45 35.87 10.11
C GLU A 161 -16.80 35.59 8.76
N VAL A 162 -16.52 34.32 8.44
CA VAL A 162 -15.90 34.02 7.13
C VAL A 162 -16.92 34.07 5.99
N ALA A 163 -18.14 33.61 6.25
CA ALA A 163 -19.15 33.54 5.22
C ALA A 163 -19.47 34.93 4.72
N SER A 164 -19.48 35.89 5.64
CA SER A 164 -19.73 37.29 5.28
C SER A 164 -18.67 37.86 4.32
N LEU A 165 -17.41 37.52 4.52
CA LEU A 165 -16.36 37.93 3.56
C LEU A 165 -16.60 37.31 2.18
N VAL A 166 -16.81 36.01 2.15
CA VAL A 166 -17.17 35.28 0.95
C VAL A 166 -18.42 35.88 0.29
N GLY A 167 -19.37 36.34 1.10
CA GLY A 167 -20.61 36.91 0.57
C GLY A 167 -20.35 38.20 -0.19
N ILE A 168 -19.40 38.98 0.30
CA ILE A 168 -18.94 40.17 -0.40
C ILE A 168 -18.30 39.84 -1.75
N ILE A 169 -17.42 38.85 -1.77
CA ILE A 169 -16.70 38.48 -2.99
C ILE A 169 -17.68 37.96 -4.05
N ALA A 170 -18.57 37.07 -3.64
CA ALA A 170 -19.53 36.43 -4.55
C ALA A 170 -20.42 37.48 -5.18
N ALA A 171 -20.77 38.49 -4.39
CA ALA A 171 -21.56 39.62 -4.92
C ALA A 171 -20.77 40.41 -5.94
N ASP A 172 -19.52 40.71 -5.62
CA ASP A 172 -18.66 41.48 -6.52
C ASP A 172 -18.50 40.78 -7.87
N ILE A 173 -18.10 39.53 -7.80
CA ILE A 173 -17.96 38.69 -8.97
C ILE A 173 -19.24 38.70 -9.78
N ALA A 174 -20.37 38.35 -9.16
CA ALA A 174 -21.66 38.32 -9.83
C ALA A 174 -21.98 39.63 -10.53
N ASN A 175 -21.54 40.72 -9.92
CA ASN A 175 -21.69 42.04 -10.50
C ASN A 175 -20.84 42.14 -11.76
N ASN A 176 -19.56 41.84 -11.64
CA ASN A 176 -18.64 41.79 -12.79
C ASN A 176 -19.12 40.86 -13.92
N ILE A 177 -19.74 39.73 -13.56
CA ILE A 177 -20.30 38.82 -14.53
C ILE A 177 -21.47 39.46 -15.29
N SER A 178 -22.27 40.30 -14.64
CA SER A 178 -23.42 40.91 -15.29
C SER A 178 -22.98 42.01 -16.23
N LYS A 179 -21.90 42.69 -15.84
CA LYS A 179 -21.29 43.68 -16.71
C LYS A 179 -20.68 42.97 -17.92
N ALA A 180 -19.98 41.88 -17.68
CA ALA A 180 -19.40 41.12 -18.77
C ALA A 180 -20.47 40.53 -19.68
N THR A 181 -21.63 40.21 -19.13
CA THR A 181 -22.62 39.36 -19.82
C THR A 181 -23.80 40.11 -20.40
N GLY A 182 -24.16 41.25 -19.81
CA GLY A 182 -25.41 41.93 -20.16
C GLY A 182 -26.63 41.33 -19.48
N GLU A 183 -26.63 40.01 -19.28
CA GLU A 183 -27.64 39.30 -18.49
C GLU A 183 -27.35 39.40 -16.99
N GLU A 184 -28.33 38.97 -16.18
CA GLU A 184 -28.23 39.04 -14.71
C GLU A 184 -27.51 37.82 -14.14
N ALA A 185 -26.74 38.04 -13.08
CA ALA A 185 -26.05 36.95 -12.39
C ALA A 185 -26.35 37.01 -10.89
N LYS A 186 -26.65 35.86 -10.29
CA LYS A 186 -26.92 35.81 -8.86
C LYS A 186 -25.81 35.06 -8.13
N ALA A 187 -25.71 35.35 -6.83
CA ALA A 187 -24.88 34.56 -5.94
C ALA A 187 -25.72 33.43 -5.42
N GLY A 188 -25.08 32.39 -4.90
CA GLY A 188 -25.80 31.21 -4.44
C GLY A 188 -24.95 30.29 -3.59
N ALA A 189 -25.61 29.29 -3.04
CA ALA A 189 -24.99 28.31 -2.17
C ALA A 189 -25.67 26.97 -2.29
N VAL A 190 -24.86 25.92 -2.34
CA VAL A 190 -25.35 24.56 -2.27
C VAL A 190 -25.02 24.12 -0.86
N ALA A 191 -26.07 23.94 -0.06
CA ALA A 191 -25.90 23.63 1.35
C ALA A 191 -26.25 22.16 1.64
N GLY A 192 -25.62 21.61 2.68
CA GLY A 192 -25.94 20.29 3.18
C GLY A 192 -27.19 20.25 4.02
N ASP A 194 -29.82 21.21 7.21
CA ASP A 194 -30.28 22.33 8.04
C ASP A 194 -29.90 22.14 9.50
N ILE A 195 -28.72 22.60 9.85
CA ILE A 195 -28.21 22.54 11.22
C ILE A 195 -27.50 23.86 11.58
N PRO A 196 -27.29 24.10 12.90
CA PRO A 196 -26.73 25.34 13.40
C PRO A 196 -25.47 25.86 12.73
N PRO A 197 -24.49 25.01 12.38
CA PRO A 197 -23.32 25.56 11.68
C PRO A 197 -23.70 26.17 10.35
N LEU A 198 -24.62 25.51 9.65
CA LEU A 198 -25.11 26.04 8.37
C LEU A 198 -25.96 27.30 8.51
N TRP A 199 -26.59 27.50 9.67
CA TRP A 199 -27.33 28.74 9.90
C TRP A 199 -26.37 29.91 9.92
N ARG A 200 -25.24 29.71 10.59
CA ARG A 200 -24.21 30.74 10.65
C ARG A 200 -23.58 31.01 9.26
N PHE A 201 -23.41 29.96 8.46
CA PHE A 201 -22.92 30.17 7.10
C PHE A 201 -23.91 31.01 6.29
N HIS A 202 -25.20 30.77 6.49
CA HIS A 202 -26.26 31.40 5.70
C HIS A 202 -26.39 32.87 6.06
N ILE A 203 -26.46 33.14 7.33
CA ILE A 203 -26.52 34.50 7.85
C ILE A 203 -25.30 35.29 7.40
N GLY A 204 -24.13 34.67 7.52
CA GLY A 204 -22.88 35.32 7.10
C GLY A 204 -22.86 35.57 5.61
N TYR A 205 -23.10 34.54 4.81
CA TYR A 205 -23.18 34.73 3.35
C TYR A 205 -24.15 35.82 2.91
N LEU A 206 -25.38 35.78 3.41
CA LEU A 206 -26.39 36.77 3.02
C LEU A 206 -26.05 38.17 3.48
N TYR A 207 -25.52 38.30 4.70
CA TYR A 207 -25.05 39.60 5.21
C TYR A 207 -24.02 40.25 4.26
N GLY A 208 -23.00 39.47 3.86
CA GLY A 208 -21.91 39.97 3.03
C GLY A 208 -22.35 40.46 1.66
N VAL A 209 -23.22 39.68 1.01
CA VAL A 209 -23.90 40.09 -0.24
C VAL A 209 -24.63 41.42 -0.05
N GLN A 210 -25.37 41.54 1.05
CA GLN A 210 -26.19 42.74 1.31
C GLN A 210 -25.39 43.97 1.72
N TYR A 211 -24.22 43.71 2.28
CA TYR A 211 -23.28 44.74 2.68
C TYR A 211 -22.62 45.32 1.44
N TYR A 212 -22.36 44.45 0.46
CA TYR A 212 -21.88 44.86 -0.84
C TYR A 212 -22.99 45.66 -1.54
N ASN A 213 -24.17 45.04 -1.65
CA ASN A 213 -25.28 45.74 -2.24
C ASN A 213 -25.45 47.15 -1.69
N GLN A 214 -25.49 47.26 -0.38
CA GLN A 214 -25.79 48.55 0.24
C GLN A 214 -24.69 49.59 -0.06
N ALA A 215 -23.42 49.13 0.01
CA ALA A 215 -22.26 49.99 -0.15
C ALA A 215 -22.05 50.39 -1.59
N GLY A 217 -24.54 50.18 -4.22
CA GLY A 217 -25.75 50.55 -4.98
C GLY A 217 -26.34 49.47 -5.87
N THR A 218 -25.93 48.22 -5.67
CA THR A 218 -26.31 47.08 -6.53
C THR A 218 -27.44 46.22 -5.93
N ASP A 219 -28.06 45.39 -6.77
CA ASP A 219 -29.14 44.50 -6.35
C ASP A 219 -28.81 43.03 -6.67
N VAL A 220 -27.68 42.56 -6.16
CA VAL A 220 -27.29 41.17 -6.35
C VAL A 220 -28.14 40.27 -5.46
N GLU A 221 -28.78 39.27 -6.05
CA GLU A 221 -29.62 38.33 -5.32
C GLU A 221 -28.86 37.05 -4.93
N VAL A 223 -29.33 32.86 -3.84
CA VAL A 223 -30.12 31.65 -3.67
C VAL A 223 -29.40 30.70 -2.72
N TRP A 224 -30.10 30.26 -1.68
CA TRP A 224 -29.52 29.35 -0.72
C TRP A 224 -30.31 28.09 -0.79
N THR A 225 -29.66 26.95 -1.03
CA THR A 225 -30.39 25.71 -1.23
C THR A 225 -29.81 24.58 -0.41
N TYR A 226 -30.63 24.08 0.51
CA TYR A 226 -30.33 22.94 1.38
C TYR A 226 -30.64 21.65 0.64
N THR A 227 -29.69 20.72 0.58
CA THR A 227 -29.88 19.45 -0.14
C THR A 227 -30.30 18.30 0.77
N GLY A 228 -29.92 18.39 2.04
CA GLY A 228 -30.25 17.39 3.06
C GLY A 228 -29.14 16.41 3.37
N ARG A 229 -27.99 16.54 2.71
CA ARG A 229 -26.90 15.59 2.88
C ARG A 229 -25.52 16.22 2.67
N PHE A 230 -24.57 15.77 3.47
CA PHE A 230 -23.16 16.17 3.33
C PHE A 230 -22.33 15.19 2.51
N ASP A 231 -22.95 14.15 1.94
CA ASP A 231 -22.21 13.02 1.40
C ASP A 231 -22.61 12.51 0.00
N ASP A 232 -23.08 13.38 -0.89
CA ASP A 232 -23.67 12.93 -2.17
C ASP A 232 -23.38 13.91 -3.34
N PRO A 233 -22.36 13.62 -4.16
CA PRO A 233 -22.00 14.54 -5.25
C PRO A 233 -23.06 14.71 -6.33
N THR A 234 -23.84 13.68 -6.59
CA THR A 234 -24.86 13.73 -7.65
C THR A 234 -25.94 14.73 -7.24
N LEU A 235 -26.34 14.61 -5.99
CA LEU A 235 -27.30 15.51 -5.40
C LEU A 235 -26.81 16.93 -5.51
N GLY A 236 -25.53 17.15 -5.22
CA GLY A 236 -24.97 18.48 -5.29
C GLY A 236 -24.94 18.99 -6.72
N LYS A 237 -24.60 18.11 -7.65
CA LYS A 237 -24.49 18.46 -9.06
C LYS A 237 -25.82 18.89 -9.64
N THR A 238 -26.84 18.05 -9.47
CA THR A 238 -28.15 18.33 -10.02
C THR A 238 -28.81 19.55 -9.33
N THR A 239 -28.43 19.83 -8.09
CA THR A 239 -28.92 21.02 -7.40
C THR A 239 -28.27 22.29 -7.96
N ALA A 240 -26.99 22.19 -8.32
CA ALA A 240 -26.26 23.33 -8.85
C ALA A 240 -26.75 23.64 -10.23
N GLU A 241 -27.09 22.59 -10.98
CA GLU A 241 -27.71 22.68 -12.31
C GLU A 241 -29.06 23.35 -12.31
N GLN A 242 -29.90 22.99 -11.33
CA GLN A 242 -31.18 23.68 -11.11
C GLN A 242 -30.94 25.17 -10.89
N LEU A 244 -28.35 27.01 -11.65
CA LEU A 244 -27.82 27.54 -12.91
C LEU A 244 -28.93 28.05 -13.84
N GLN A 245 -30.12 27.46 -13.74
CA GLN A 245 -31.32 27.93 -14.45
C GLN A 245 -32.12 29.01 -13.72
N GLN A 246 -31.90 29.18 -12.43
CA GLN A 246 -32.46 30.32 -11.73
C GLN A 246 -31.55 31.54 -11.92
N GLY A 247 -30.47 31.40 -12.68
CA GLY A 247 -29.61 32.54 -12.94
C GLY A 247 -28.44 32.71 -11.99
N VAL A 248 -28.17 31.69 -11.18
CA VAL A 248 -27.01 31.68 -10.29
C VAL A 248 -25.76 31.48 -11.11
N ARG A 249 -24.76 32.31 -10.84
CA ARG A 249 -23.49 32.25 -11.52
C ARG A 249 -22.29 32.23 -10.58
N VAL A 250 -22.49 32.47 -9.28
CA VAL A 250 -21.43 32.21 -8.29
C VAL A 250 -21.94 31.23 -7.22
N PHE A 251 -21.20 30.16 -6.99
CA PHE A 251 -21.66 29.02 -6.18
C PHE A 251 -20.77 28.77 -4.95
N TYR A 252 -21.32 28.98 -3.77
CA TYR A 252 -20.58 28.75 -2.56
C TYR A 252 -20.89 27.33 -2.08
N GLY A 253 -19.85 26.52 -1.91
CA GLY A 253 -20.02 25.15 -1.46
C GLY A 253 -20.06 25.08 0.05
N VAL A 254 -21.24 24.78 0.61
CA VAL A 254 -21.39 24.65 2.07
C VAL A 254 -22.10 23.33 2.39
N ALA A 255 -21.56 22.24 1.88
CA ALA A 255 -22.22 20.95 1.96
C ALA A 255 -21.25 19.78 1.97
N GLY A 256 -20.01 20.01 2.38
CA GLY A 256 -19.05 18.91 2.45
C GLY A 256 -18.87 18.26 1.09
N LEU A 257 -18.82 16.94 1.06
CA LEU A 257 -18.61 16.18 -0.18
C LEU A 257 -19.69 16.45 -1.23
N THR A 258 -20.92 16.73 -0.78
CA THR A 258 -22.01 17.08 -1.69
C THR A 258 -21.61 18.22 -2.62
N HIS A 259 -20.95 19.25 -2.09
CA HIS A 259 -20.62 20.41 -2.92
C HIS A 259 -19.46 20.19 -3.89
N VAL A 260 -18.87 19.00 -3.88
CA VAL A 260 -17.92 18.63 -4.93
C VAL A 260 -18.73 18.43 -6.21
N GLY A 261 -19.97 17.97 -6.04
CA GLY A 261 -20.93 17.84 -7.16
C GLY A 261 -21.21 19.18 -7.78
N PHE A 263 -19.06 21.73 -7.83
CA PHE A 263 -17.87 22.09 -8.62
C PHE A 263 -17.94 21.50 -10.01
N ASN A 264 -18.39 20.24 -10.08
CA ASN A 264 -18.49 19.54 -11.36
C ASN A 264 -19.56 20.11 -12.28
N ALA A 265 -20.70 20.46 -11.71
CA ALA A 265 -21.75 21.17 -12.41
C ALA A 265 -21.24 22.50 -12.97
N VAL A 266 -20.40 23.18 -12.19
CA VAL A 266 -19.82 24.45 -12.62
C VAL A 266 -18.73 24.26 -13.66
N LYS A 267 -17.98 23.16 -13.59
CA LYS A 267 -17.02 22.85 -14.66
C LYS A 267 -17.75 22.60 -15.97
N GLU A 268 -18.76 21.74 -15.91
CA GLU A 268 -19.60 21.40 -17.05
C GLU A 268 -20.12 22.68 -17.69
N ALA A 269 -20.61 23.60 -16.89
CA ALA A 269 -21.15 24.89 -17.36
C ALA A 269 -20.12 25.77 -18.08
N ALA A 270 -18.89 25.77 -17.58
CA ALA A 270 -17.83 26.60 -18.13
C ALA A 270 -17.45 26.07 -19.49
N ALA A 271 -17.37 24.74 -19.58
CA ALA A 271 -17.10 24.06 -20.82
C ALA A 271 -18.20 24.29 -21.86
N ARG A 272 -19.41 24.61 -21.41
CA ARG A 272 -20.53 24.88 -22.33
C ARG A 272 -20.80 26.38 -22.54
N GLY A 273 -19.81 27.21 -22.20
CA GLY A 273 -19.84 28.63 -22.47
C GLY A 273 -20.35 29.53 -21.35
N VAL A 274 -20.80 28.94 -20.25
CA VAL A 274 -21.35 29.77 -19.20
C VAL A 274 -20.21 30.36 -18.40
N ILE A 275 -20.36 31.63 -18.01
CA ILE A 275 -19.41 32.28 -17.14
C ILE A 275 -19.93 32.18 -15.72
N ALA A 276 -19.30 31.30 -14.94
CA ALA A 276 -19.66 31.06 -13.57
C ALA A 276 -18.41 30.67 -12.79
N PHE A 277 -18.50 30.81 -11.48
CA PHE A 277 -17.40 30.45 -10.60
C PHE A 277 -17.89 29.69 -9.38
N SER A 278 -16.98 28.96 -8.75
CA SER A 278 -17.26 28.33 -7.48
C SER A 278 -16.39 28.95 -6.36
N ILE A 279 -16.88 28.78 -5.13
CA ILE A 279 -16.12 29.09 -3.94
C ILE A 279 -16.15 27.87 -3.01
N GLY A 280 -14.96 27.43 -2.61
CA GLY A 280 -14.80 26.25 -1.77
C GLY A 280 -14.81 26.63 -0.31
N GLN A 281 -14.84 25.61 0.54
CA GLN A 281 -15.02 25.81 1.97
C GLN A 281 -14.30 24.74 2.77
N ASP A 282 -13.84 25.15 3.95
CA ASP A 282 -13.15 24.33 4.95
C ASP A 282 -11.66 24.23 4.61
N ALA A 283 -11.33 23.49 3.55
CA ALA A 283 -9.97 23.50 3.00
C ALA A 283 -9.91 24.52 1.87
N SER A 284 -8.71 24.84 1.41
CA SER A 284 -8.56 25.54 0.14
C SER A 284 -8.74 24.49 -0.95
N GLN A 285 -9.75 24.66 -1.79
CA GLN A 285 -10.13 23.63 -2.76
C GLN A 285 -9.88 24.05 -4.19
N GLU A 286 -9.23 25.19 -4.37
CA GLU A 286 -8.99 25.75 -5.70
C GLU A 286 -8.32 24.71 -6.63
N TRP A 287 -7.47 23.86 -6.05
CA TRP A 287 -6.75 22.83 -6.80
C TRP A 287 -7.63 21.89 -7.59
N TYR A 288 -8.82 21.62 -7.10
CA TYR A 288 -9.74 20.72 -7.81
C TYR A 288 -10.06 21.22 -9.23
N ASP A 289 -10.18 22.52 -9.42
CA ASP A 289 -10.22 23.12 -10.76
C ASP A 289 -9.99 24.63 -10.66
N PRO A 290 -8.73 25.08 -10.85
CA PRO A 290 -8.34 26.46 -10.50
C PRO A 290 -8.96 27.55 -11.36
N GLN A 291 -9.57 27.14 -12.46
CA GLN A 291 -10.16 28.07 -13.39
C GLN A 291 -11.53 28.53 -12.94
N THR A 292 -12.32 27.61 -12.38
CA THR A 292 -13.67 27.95 -11.88
C THR A 292 -13.74 28.17 -10.37
N ILE A 293 -12.83 27.56 -9.61
CA ILE A 293 -12.81 27.69 -8.16
C ILE A 293 -11.75 28.73 -7.80
N ILE A 294 -12.15 29.96 -7.58
CA ILE A 294 -11.14 31.02 -7.44
C ILE A 294 -10.85 31.51 -6.04
N ILE A 295 -11.64 31.07 -5.06
CA ILE A 295 -11.32 31.36 -3.67
C ILE A 295 -11.92 30.26 -2.82
N SER A 296 -11.39 30.10 -1.61
CA SER A 296 -11.97 29.20 -0.61
C SER A 296 -12.07 29.88 0.76
N GLY A 297 -13.12 29.54 1.49
CA GLY A 297 -13.26 29.99 2.86
C GLY A 297 -12.68 28.90 3.74
N LEU A 298 -11.83 29.27 4.68
CA LEU A 298 -11.17 28.26 5.49
C LEU A 298 -11.83 28.10 6.84
N LYS A 299 -11.83 26.86 7.29
CA LYS A 299 -12.22 26.50 8.64
C LYS A 299 -11.13 25.55 9.13
N ARG A 300 -10.44 25.95 10.21
CA ARG A 300 -9.25 25.26 10.69
C ARG A 300 -9.60 24.18 11.70
N VAL A 301 -10.46 23.26 11.27
CA VAL A 301 -10.85 22.10 12.05
C VAL A 301 -9.62 21.27 12.39
N ASP A 302 -8.75 21.11 11.40
CA ASP A 302 -7.48 20.43 11.54
C ASP A 302 -6.69 20.98 12.73
N VAL A 303 -6.61 22.30 12.85
CA VAL A 303 -5.91 22.92 13.97
C VAL A 303 -6.61 22.62 15.30
N ALA A 304 -7.94 22.69 15.30
CA ALA A 304 -8.71 22.44 16.51
C ALA A 304 -8.54 20.99 16.99
N VAL A 305 -8.49 20.05 16.06
CA VAL A 305 -8.28 18.64 16.37
C VAL A 305 -6.87 18.37 16.89
N TYR A 306 -5.88 18.95 16.21
CA TYR A 306 -4.50 18.85 16.65
C TYR A 306 -4.39 19.35 18.07
N THR A 307 -4.93 20.54 18.31
CA THR A 307 -4.87 21.19 19.62
C THR A 307 -5.64 20.46 20.73
N ALA A 308 -6.78 19.87 20.40
CA ALA A 308 -7.52 19.10 21.39
C ALA A 308 -6.68 17.91 21.87
N ILE A 309 -6.17 17.17 20.89
CA ILE A 309 -5.30 16.04 21.12
C ILE A 309 -4.06 16.45 21.91
N LYS A 310 -3.45 17.58 21.55
CA LYS A 310 -2.23 18.04 22.20
C LYS A 310 -2.47 18.37 23.69
N ASP A 311 -3.59 18.99 24.00
CA ASP A 311 -3.92 19.27 25.38
C ASP A 311 -3.91 17.98 26.20
N VAL A 312 -4.45 16.90 25.66
CA VAL A 312 -4.48 15.64 26.38
C VAL A 312 -3.07 15.11 26.58
N VAL A 313 -2.28 15.09 25.52
CA VAL A 313 -0.92 14.62 25.58
C VAL A 313 -0.15 15.32 26.67
N GLU A 314 -0.17 16.66 26.63
CA GLU A 314 0.54 17.49 27.61
C GLU A 314 -0.14 17.58 28.98
N GLY A 315 -1.15 16.75 29.25
CA GLY A 315 -1.82 16.70 30.56
C GLY A 315 -2.51 18.00 30.96
N ARG A 316 -3.11 18.71 30.01
CA ARG A 316 -3.82 19.95 30.31
C ARG A 316 -5.18 20.02 29.63
N PHE A 317 -5.89 18.90 29.60
CA PHE A 317 -7.24 18.88 29.10
C PHE A 317 -8.12 19.74 30.01
N ARG A 318 -9.06 20.49 29.42
CA ARG A 318 -9.95 21.31 30.19
C ARG A 318 -11.32 21.40 29.56
N GLY A 319 -12.33 20.98 30.30
CA GLY A 319 -13.72 21.08 29.86
C GLY A 319 -14.04 22.53 29.56
N GLY A 320 -15.01 22.80 28.69
CA GLY A 320 -15.35 24.18 28.36
C GLY A 320 -15.62 24.45 26.90
N ILE A 321 -15.45 25.70 26.47
CA ILE A 321 -15.82 26.11 25.11
C ILE A 321 -14.72 26.97 24.47
N VAL A 322 -14.37 26.65 23.24
CA VAL A 322 -13.49 27.48 22.43
C VAL A 322 -14.29 27.97 21.24
N SER A 323 -14.45 29.28 21.15
CA SER A 323 -15.08 29.94 20.01
C SER A 323 -13.97 30.48 19.12
N LEU A 324 -13.99 30.08 17.84
CA LEU A 324 -12.95 30.38 16.88
C LEU A 324 -13.46 31.17 15.66
N GLY A 325 -12.78 32.27 15.35
CA GLY A 325 -13.20 33.17 14.28
C GLY A 325 -12.01 33.75 13.56
N LEU A 326 -12.24 34.83 12.80
CA LEU A 326 -11.14 35.47 12.07
C LEU A 326 -10.00 35.89 13.03
N LYS A 327 -10.35 36.52 14.14
CA LYS A 327 -9.34 37.00 15.09
C LYS A 327 -8.35 35.90 15.46
N GLU A 328 -8.87 34.71 15.74
CA GLU A 328 -8.05 33.61 16.21
C GLU A 328 -7.36 32.84 15.11
N GLY A 329 -7.53 33.25 13.85
CA GLY A 329 -6.98 32.50 12.72
C GLY A 329 -7.69 31.18 12.40
N GLY A 330 -8.86 30.97 13.00
CA GLY A 330 -9.62 29.72 12.82
C GLY A 330 -10.49 29.72 11.56
N LEU A 331 -10.68 30.91 11.00
CA LEU A 331 -11.38 31.09 9.75
C LEU A 331 -10.57 32.08 8.94
N GLY A 332 -10.81 32.10 7.64
CA GLY A 332 -10.16 33.10 6.79
C GLY A 332 -10.30 32.76 5.33
N LEU A 333 -9.80 33.64 4.46
CA LEU A 333 -9.83 33.42 3.03
C LEU A 333 -8.53 32.81 2.54
N SER A 334 -8.66 31.91 1.59
CA SER A 334 -7.54 31.31 0.90
C SER A 334 -6.59 32.38 0.36
N ASP A 335 -5.32 32.33 0.74
CA ASP A 335 -4.28 33.18 0.12
C ASP A 335 -3.25 32.31 -0.61
N GLU A 336 -2.36 32.96 -1.34
CA GLU A 336 -1.26 32.29 -2.08
C GLU A 336 -0.65 31.07 -1.38
N GLU A 337 -0.02 31.28 -0.22
CA GLU A 337 0.71 30.19 0.45
C GLU A 337 -0.20 28.99 0.72
N ILE A 338 -1.47 29.27 1.02
CA ILE A 338 -2.41 28.23 1.41
C ILE A 338 -2.87 27.45 0.20
N ILE A 339 -3.14 28.15 -0.89
CA ILE A 339 -3.57 27.49 -2.12
C ILE A 339 -2.53 26.45 -2.52
N ARG A 340 -1.26 26.86 -2.50
CA ARG A 340 -0.15 25.99 -2.85
C ARG A 340 -0.07 24.81 -1.90
N TYR A 341 -0.12 25.08 -0.61
CA TYR A 341 -0.04 24.01 0.39
C TYR A 341 -1.06 22.87 0.20
N PHE A 342 -2.31 23.21 -0.08
CA PHE A 342 -3.34 22.19 -0.27
C PHE A 342 -3.22 21.52 -1.63
N ALA A 343 -2.74 22.25 -2.63
CA ALA A 343 -2.36 21.64 -3.90
C ALA A 343 -1.20 20.64 -3.72
N GLU A 344 -0.20 20.96 -2.88
CA GLU A 344 0.90 20.04 -2.56
C GLU A 344 0.34 18.74 -2.02
N ILE A 345 -0.66 18.84 -1.15
CA ILE A 345 -1.24 17.65 -0.59
C ILE A 345 -1.98 16.86 -1.66
N ALA A 346 -2.68 17.53 -2.56
CA ALA A 346 -3.35 16.83 -3.67
C ALA A 346 -2.36 16.18 -4.67
N ALA A 347 -1.14 16.72 -4.73
CA ALA A 347 -0.10 16.19 -5.59
C ALA A 347 0.45 14.90 -5.02
N GLU A 348 0.87 14.92 -3.76
CA GLU A 348 1.39 13.72 -3.10
C GLU A 348 0.29 12.69 -2.76
N THR A 349 -0.97 12.99 -3.10
CA THR A 349 -2.09 12.03 -2.99
C THR A 349 -2.53 11.48 -4.35
N GLY A 350 -1.95 12.00 -5.43
CA GLY A 350 -2.32 11.56 -6.77
C GLY A 350 -3.67 12.07 -7.26
N GLN A 351 -4.33 12.90 -6.46
CA GLN A 351 -5.68 13.35 -6.79
C GLN A 351 -5.74 14.77 -7.34
N LEU A 352 -4.61 15.30 -7.80
CA LEU A 352 -4.55 16.63 -8.43
C LEU A 352 -4.63 16.47 -9.96
N PRO A 353 -5.70 16.99 -10.59
CA PRO A 353 -5.93 16.71 -12.02
C PRO A 353 -4.65 16.82 -12.86
N GLU A 354 -4.39 15.82 -13.70
CA GLU A 354 -3.14 15.76 -14.47
C GLU A 354 -2.96 17.00 -15.35
N GLY A 355 -1.69 17.28 -15.66
CA GLY A 355 -1.31 18.48 -16.38
C GLY A 355 -1.22 19.70 -15.46
N LEU A 356 -1.19 19.45 -14.15
CA LEU A 356 -1.35 20.52 -13.16
C LEU A 356 -0.40 20.33 -11.98
N THR A 357 0.38 21.37 -11.71
CA THR A 357 1.35 21.40 -10.61
C THR A 357 0.80 22.36 -9.57
N PRO A 358 1.25 22.24 -8.31
CA PRO A 358 0.91 23.23 -7.27
C PRO A 358 1.13 24.66 -7.73
N GLU A 359 2.28 24.93 -8.35
CA GLU A 359 2.59 26.26 -8.81
C GLU A 359 1.63 26.70 -9.92
N LYS A 360 1.25 25.78 -10.80
CA LYS A 360 0.33 26.12 -11.88
C LYS A 360 -1.07 26.45 -11.37
N VAL A 361 -1.45 25.84 -10.24
CA VAL A 361 -2.72 26.15 -9.59
C VAL A 361 -2.76 27.61 -9.15
N VAL A 362 -1.73 28.00 -8.41
CA VAL A 362 -1.59 29.38 -7.92
C VAL A 362 -1.62 30.39 -9.04
N GLU A 363 -0.89 30.11 -10.12
CA GLU A 363 -0.84 31.00 -11.28
C GLU A 363 -2.23 31.21 -11.88
N ILE A 364 -3.01 30.15 -12.03
CA ILE A 364 -4.29 30.26 -12.70
C ILE A 364 -5.29 30.97 -11.81
N VAL A 365 -5.23 30.70 -10.50
CA VAL A 365 -6.16 31.29 -9.55
C VAL A 365 -5.94 32.79 -9.44
N SER A 367 -4.55 34.68 -11.58
CA SER A 367 -4.95 35.23 -12.87
C SER A 367 -6.46 35.48 -12.91
N GLN A 368 -7.26 34.54 -12.42
CA GLN A 368 -8.73 34.69 -12.41
C GLN A 368 -9.23 35.73 -11.38
N ARG A 369 -8.57 35.79 -10.22
CA ARG A 369 -8.85 36.81 -9.21
C ARG A 369 -8.64 38.22 -9.76
N GLU A 370 -7.52 38.41 -10.47
CA GLU A 370 -7.17 39.70 -11.07
C GLU A 370 -8.29 40.16 -12.02
N LYS A 371 -8.76 39.27 -12.89
CA LYS A 371 -9.80 39.65 -13.84
C LYS A 371 -11.17 39.85 -13.18
N TRP A 372 -11.52 39.03 -12.18
CA TRP A 372 -12.95 38.89 -11.77
C TRP A 372 -13.39 39.49 -10.42
N ILE A 373 -12.42 39.87 -9.59
CA ILE A 373 -12.71 40.55 -8.34
C ILE A 373 -12.18 41.97 -8.44
N SER A 374 -13.05 42.96 -8.30
CA SER A 374 -12.64 44.35 -8.41
C SER A 374 -11.93 44.77 -7.13
N ASN A 375 -11.27 45.92 -7.16
CA ASN A 375 -10.65 46.45 -5.95
C ASN A 375 -11.67 47.00 -4.96
N ASP A 376 -12.88 47.31 -5.43
CA ASP A 376 -13.95 47.67 -4.50
C ASP A 376 -14.27 46.46 -3.61
N GLY A 377 -14.37 45.30 -4.26
CA GLY A 377 -14.49 44.02 -3.59
C GLY A 377 -13.55 43.87 -2.42
N TRP A 378 -12.25 43.93 -2.65
CA TRP A 378 -11.25 43.78 -1.57
C TRP A 378 -11.35 44.84 -0.48
N ARG A 379 -11.61 46.09 -0.86
CA ARG A 379 -11.72 47.19 0.09
C ARG A 379 -12.82 46.85 1.08
N LEU A 380 -14.00 46.52 0.57
CA LEU A 380 -15.12 46.13 1.42
C LEU A 380 -14.77 44.94 2.31
N VAL A 381 -14.19 43.90 1.72
CA VAL A 381 -13.74 42.73 2.48
C VAL A 381 -12.78 43.15 3.58
N GLU A 382 -11.76 43.95 3.24
CA GLU A 382 -10.78 44.38 4.22
C GLU A 382 -11.42 45.24 5.34
N GLU A 383 -12.38 46.07 4.94
CA GLU A 383 -13.10 46.96 5.84
C GLU A 383 -13.90 46.17 6.88
N LEU A 384 -14.63 45.17 6.40
CA LEU A 384 -15.45 44.28 7.23
C LEU A 384 -14.62 43.36 8.10
N LYS A 385 -13.60 42.76 7.54
CA LYS A 385 -12.68 41.93 8.31
C LYS A 385 -12.17 42.70 9.53
N GLN A 386 -11.77 43.94 9.32
CA GLN A 386 -11.20 44.75 10.39
C GLN A 386 -12.26 45.11 11.45
N LYS A 387 -13.46 45.50 11.03
CA LYS A 387 -14.58 45.74 11.95
C LYS A 387 -15.00 44.55 12.76
N ILE A 388 -14.82 43.36 12.20
CA ILE A 388 -15.06 42.11 12.94
C ILE A 388 -13.97 41.89 13.98
N ILE A 389 -12.71 42.04 13.59
CA ILE A 389 -11.59 41.82 14.52
C ILE A 389 -11.56 42.85 15.66
N SER A 390 -11.72 44.11 15.32
CA SER A 390 -11.86 45.19 16.32
C SER A 390 -13.06 44.99 17.31
N GLY A 391 -14.09 44.27 16.88
CA GLY A 391 -15.25 44.02 17.74
C GLY A 391 -16.38 44.98 17.47
N GLU A 392 -16.21 45.83 16.45
CA GLU A 392 -17.27 46.72 16.01
C GLU A 392 -18.48 45.93 15.48
N ILE A 393 -18.21 44.74 14.94
CA ILE A 393 -19.27 43.85 14.46
C ILE A 393 -19.07 42.49 15.11
N LYS A 394 -20.14 42.01 15.74
CA LYS A 394 -20.17 40.70 16.40
C LYS A 394 -21.50 40.07 16.03
N PHE A 395 -21.44 38.92 15.36
CA PHE A 395 -22.65 38.22 14.94
C PHE A 395 -23.41 37.54 16.07
N VAL A 396 -24.72 37.67 16.04
CA VAL A 396 -25.60 36.91 16.91
C VAL A 396 -25.43 35.42 16.62
N THR A 397 -25.36 34.61 17.68
CA THR A 397 -25.54 33.15 17.59
C THR A 397 -27.01 32.79 17.85
N PRO A 398 -27.72 32.30 16.83
CA PRO A 398 -29.12 31.97 17.08
C PRO A 398 -29.30 30.62 17.78
N GLN A 399 -30.31 30.55 18.66
CA GLN A 399 -30.61 29.32 19.41
C GLN A 399 -31.80 28.59 18.79
N ASP A 400 -32.91 29.31 18.61
CA ASP A 400 -34.06 28.84 17.86
C ASP A 400 -33.70 28.69 16.39
N HIS A 401 -34.46 27.84 15.70
CA HIS A 401 -34.58 27.91 14.24
C HIS A 401 -35.46 29.12 13.86
N ASP A 402 -36.47 29.42 14.67
CA ASP A 402 -37.28 30.62 14.50
C ASP A 402 -36.46 31.89 14.46
N THR A 403 -35.39 31.94 15.23
CA THR A 403 -34.50 33.10 15.24
C THR A 403 -33.70 33.16 13.95
N TYR A 404 -33.20 31.99 13.53
CA TYR A 404 -32.55 31.87 12.23
C TYR A 404 -33.47 32.42 11.11
N ASP A 405 -34.74 32.00 11.08
CA ASP A 405 -35.67 32.44 10.01
C ASP A 405 -35.82 33.94 10.02
N SER A 406 -36.04 34.49 11.20
CA SER A 406 -36.38 35.92 11.31
C SER A 406 -35.17 36.83 11.05
N ILE A 407 -33.98 36.37 11.42
CA ILE A 407 -32.75 37.06 11.02
C ILE A 407 -32.61 37.10 9.51
N ILE A 408 -32.89 35.96 8.85
CA ILE A 408 -32.78 35.86 7.39
C ILE A 408 -33.82 36.70 6.64
N GLU A 409 -35.06 36.74 7.11
CA GLU A 409 -36.06 37.60 6.48
C GLU A 409 -35.61 39.05 6.59
N GLU A 410 -35.12 39.41 7.78
CA GLU A 410 -34.74 40.79 8.06
C GLU A 410 -33.56 41.14 7.20
N LEU A 411 -32.63 40.20 7.06
CA LEU A 411 -31.49 40.38 6.17
C LEU A 411 -31.91 40.59 4.71
N LYS A 412 -32.86 39.79 4.24
CA LYS A 412 -33.35 39.89 2.86
C LYS A 412 -33.93 41.26 2.51
N ALA A 413 -34.50 41.94 3.51
CA ALA A 413 -34.99 43.30 3.30
C ALA A 413 -33.93 44.40 3.56
N GLY A 414 -32.66 44.03 3.71
CA GLY A 414 -31.56 44.99 3.83
C GLY A 414 -31.16 45.40 5.24
N ASN A 415 -31.79 44.80 6.24
CA ASN A 415 -31.48 45.10 7.65
C ASN A 415 -30.22 44.38 8.15
N LEU A 416 -29.07 44.86 7.72
CA LEU A 416 -27.78 44.24 8.07
C LEU A 416 -27.59 43.99 9.57
N GLU A 417 -28.02 44.96 10.38
CA GLU A 417 -27.85 44.89 11.83
C GLU A 417 -28.70 43.81 12.50
N ALA A 418 -29.69 43.25 11.80
CA ALA A 418 -30.49 42.17 12.37
C ALA A 418 -29.63 40.98 12.79
N ALA A 419 -28.53 40.78 12.08
CA ALA A 419 -27.65 39.66 12.32
C ALA A 419 -26.68 39.88 13.47
N LEU A 420 -26.69 41.06 14.10
CA LEU A 420 -25.58 41.49 14.96
C LEU A 420 -26.03 41.86 16.37
N GLU A 421 -25.04 42.15 17.23
CA GLU A 421 -25.27 42.56 18.62
C GLU A 421 -24.84 43.97 18.89
N PRO B 52 28.17 13.22 -40.70
CA PRO B 52 28.69 12.36 -39.63
C PRO B 52 27.56 12.02 -38.66
N ILE B 53 27.86 11.24 -37.61
CA ILE B 53 26.88 10.91 -36.57
C ILE B 53 27.03 11.84 -35.35
N SER B 54 25.91 12.17 -34.76
CA SER B 54 25.84 13.23 -33.76
C SER B 54 25.29 12.69 -32.42
N VAL B 55 26.05 12.86 -31.35
CA VAL B 55 25.71 12.28 -30.06
C VAL B 55 25.56 13.36 -28.99
N LEU B 56 24.54 13.22 -28.13
CA LEU B 56 24.42 14.05 -26.94
C LEU B 56 24.55 13.19 -25.68
N VAL B 57 25.55 13.48 -24.87
CA VAL B 57 25.70 12.88 -23.58
C VAL B 57 25.18 13.83 -22.53
N LEU B 58 24.19 13.36 -21.78
CA LEU B 58 23.48 14.17 -20.79
C LEU B 58 23.74 13.52 -19.42
N PHE B 59 24.42 14.25 -18.55
CA PHE B 59 24.68 13.80 -17.22
C PHE B 59 23.51 14.10 -16.30
N ASP B 60 23.29 13.20 -15.36
CA ASP B 60 22.46 13.36 -14.16
C ASP B 60 22.67 14.70 -13.47
N VAL B 61 23.69 14.71 -12.61
CA VAL B 61 23.89 15.80 -11.68
C VAL B 61 25.30 16.34 -11.80
N GLY B 62 26.29 15.47 -11.99
CA GLY B 62 27.65 15.96 -12.10
C GLY B 62 27.95 16.35 -13.53
N GLY B 63 29.21 16.15 -13.87
CA GLY B 63 29.73 16.29 -15.23
C GLY B 63 31.06 15.57 -15.24
N ARG B 64 31.98 15.96 -16.12
CA ARG B 64 33.31 15.36 -16.11
C ARG B 64 34.11 15.79 -14.89
N GLY B 65 35.22 15.09 -14.62
CA GLY B 65 36.06 15.34 -13.43
C GLY B 65 35.69 14.43 -12.26
N ASP B 66 34.80 13.48 -12.53
CA ASP B 66 34.33 12.46 -11.58
C ASP B 66 35.46 11.54 -11.07
N LEU B 67 36.43 11.26 -11.96
CA LEU B 67 37.42 10.16 -11.84
C LEU B 67 36.76 8.77 -11.81
N SER B 68 35.51 8.74 -12.22
CA SER B 68 34.57 7.70 -11.83
C SER B 68 33.44 7.54 -12.88
N PHE B 69 32.21 7.33 -12.41
CA PHE B 69 31.04 7.16 -13.25
C PHE B 69 30.91 8.05 -14.48
N ASN B 70 30.93 9.38 -14.32
CA ASN B 70 30.76 10.28 -15.46
C ASN B 70 31.98 10.35 -16.37
N ASP B 71 33.17 10.31 -15.78
CA ASP B 71 34.39 10.16 -16.58
C ASP B 71 34.39 8.84 -17.37
N ALA B 73 31.72 7.25 -18.54
CA ALA B 73 30.83 7.51 -19.65
C ALA B 73 31.45 8.44 -20.69
N ALA B 74 32.06 9.52 -20.22
CA ALA B 74 32.82 10.42 -21.12
C ALA B 74 33.95 9.69 -21.87
N LEU B 75 34.56 8.68 -21.25
CA LEU B 75 35.62 7.92 -21.90
C LEU B 75 35.06 7.11 -23.09
N GLY B 76 33.96 6.41 -22.89
CA GLY B 76 33.30 5.70 -23.97
C GLY B 76 32.95 6.60 -25.14
N ALA B 77 32.41 7.78 -24.82
CA ALA B 77 31.96 8.71 -25.84
C ALA B 77 33.16 9.38 -26.55
N ASP B 78 34.17 9.74 -25.78
CA ASP B 78 35.40 10.31 -26.34
C ASP B 78 36.10 9.27 -27.21
N ARG B 79 36.23 8.05 -26.72
CA ARG B 79 36.78 6.96 -27.50
C ARG B 79 36.00 6.77 -28.79
N ALA B 80 34.68 6.94 -28.73
CA ALA B 80 33.84 6.79 -29.90
C ALA B 80 34.15 7.90 -30.91
N ALA B 81 34.32 9.11 -30.42
CA ALA B 81 34.72 10.23 -31.29
C ALA B 81 36.06 9.92 -32.02
N GLU B 82 37.04 9.40 -31.29
CA GLU B 82 38.35 9.10 -31.89
C GLU B 82 38.27 7.93 -32.86
N GLU B 83 37.67 6.83 -32.44
CA GLU B 83 37.71 5.60 -33.24
C GLU B 83 36.67 5.56 -34.36
N LEU B 84 35.55 6.28 -34.20
CA LEU B 84 34.43 6.23 -35.16
C LEU B 84 34.09 7.58 -35.82
N GLY B 85 34.70 8.66 -35.36
CA GLY B 85 34.45 9.96 -35.98
C GLY B 85 33.08 10.54 -35.74
N VAL B 86 32.49 10.27 -34.57
CA VAL B 86 31.24 10.92 -34.20
C VAL B 86 31.49 12.24 -33.50
N ASP B 87 30.47 13.08 -33.52
CA ASP B 87 30.50 14.35 -32.79
C ASP B 87 29.74 14.16 -31.49
N VAL B 88 30.32 14.69 -30.42
CA VAL B 88 29.82 14.51 -29.08
C VAL B 88 29.65 15.86 -28.40
N VAL B 89 28.48 16.06 -27.79
CA VAL B 89 28.19 17.24 -26.99
C VAL B 89 27.92 16.79 -25.56
N PHE B 90 28.55 17.44 -24.59
CA PHE B 90 28.34 17.12 -23.18
C PHE B 90 27.51 18.20 -22.53
N GLN B 91 26.61 17.80 -21.65
CA GLN B 91 25.69 18.75 -21.07
C GLN B 91 25.15 18.23 -19.76
N THR B 92 24.93 19.14 -18.80
CA THR B 92 24.31 18.83 -17.50
C THR B 92 23.13 19.79 -17.26
N PRO B 93 21.96 19.26 -16.88
CA PRO B 93 20.88 20.21 -16.54
C PRO B 93 21.24 21.12 -15.38
N GLN B 94 20.72 22.36 -15.45
CA GLN B 94 20.87 23.34 -14.38
C GLN B 94 20.38 22.78 -13.04
N SER B 95 19.37 21.93 -13.08
CA SER B 95 18.84 21.34 -11.86
C SER B 95 18.11 20.05 -12.12
N LEU B 96 17.89 19.31 -11.03
CA LEU B 96 17.09 18.10 -11.04
C LEU B 96 15.72 18.34 -11.71
N ALA B 97 15.14 19.50 -11.45
CA ALA B 97 13.77 19.80 -11.85
C ALA B 97 13.60 20.21 -13.31
N VAL B 98 14.66 20.66 -13.96
CA VAL B 98 14.61 21.07 -15.38
C VAL B 98 15.07 19.95 -16.34
N GLU B 100 13.56 17.18 -17.48
CA GLU B 100 12.60 16.73 -18.49
C GLU B 100 12.46 17.67 -19.67
N SER B 101 12.49 18.97 -19.45
CA SER B 101 12.40 19.91 -20.57
C SER B 101 13.70 20.00 -21.38
N VAL B 102 14.83 19.84 -20.70
CA VAL B 102 16.14 19.77 -21.36
C VAL B 102 16.15 18.60 -22.35
N LEU B 103 15.65 17.46 -21.88
CA LEU B 103 15.58 16.25 -22.69
C LEU B 103 14.58 16.36 -23.85
N ASP B 104 13.42 16.94 -23.56
CA ASP B 104 12.37 17.16 -24.57
C ASP B 104 12.84 18.15 -25.65
N ALA B 105 13.56 19.18 -25.25
CA ALA B 105 14.15 20.14 -26.20
C ALA B 105 15.11 19.48 -27.18
N ALA B 106 16.05 18.71 -26.66
CA ALA B 106 17.12 18.11 -27.48
C ALA B 106 16.56 17.07 -28.41
N SER B 107 15.51 16.38 -27.95
CA SER B 107 14.77 15.43 -28.77
C SER B 107 14.08 16.14 -29.92
N ARG B 108 13.45 17.25 -29.55
CA ARG B 108 12.66 18.11 -30.43
C ARG B 108 13.50 18.80 -31.52
N SER B 109 14.68 19.30 -31.13
CA SER B 109 15.59 19.92 -32.09
C SER B 109 15.94 18.97 -33.24
N GLY B 110 15.99 17.67 -32.96
CA GLY B 110 16.38 16.70 -33.96
C GLY B 110 17.85 16.76 -34.36
N GLU B 111 18.69 17.34 -33.51
CA GLU B 111 20.12 17.53 -33.85
C GLU B 111 20.98 16.28 -33.65
N TYR B 112 20.50 15.35 -32.83
CA TYR B 112 21.32 14.25 -32.37
C TYR B 112 20.76 12.93 -32.83
N ASP B 113 21.62 12.09 -33.40
CA ASP B 113 21.22 10.73 -33.78
C ASP B 113 21.08 9.85 -32.54
N LEU B 114 21.82 10.19 -31.48
CA LEU B 114 21.70 9.48 -30.22
C LEU B 114 21.79 10.40 -29.03
N ILE B 115 20.84 10.27 -28.09
CA ILE B 115 20.92 10.93 -26.78
C ILE B 115 21.22 9.85 -25.75
N VAL B 116 22.34 10.06 -25.05
CA VAL B 116 22.78 9.13 -24.02
C VAL B 116 22.54 9.78 -22.67
N LEU B 117 21.87 9.04 -21.79
CA LEU B 117 21.48 9.56 -20.50
C LEU B 117 22.23 8.80 -19.42
N VAL B 118 23.21 9.45 -18.80
CA VAL B 118 24.02 8.84 -17.76
C VAL B 118 23.36 9.05 -16.39
N GLY B 119 22.89 7.97 -15.78
CA GLY B 119 22.33 8.04 -14.45
C GLY B 119 20.88 7.63 -14.28
N PHE B 120 20.61 7.06 -13.12
CA PHE B 120 19.29 6.59 -12.74
C PHE B 120 18.23 7.69 -12.78
N LEU B 121 18.64 8.92 -12.51
CA LEU B 121 17.66 10.00 -12.36
C LEU B 121 17.01 10.41 -13.68
N TRP B 122 17.47 9.81 -14.78
CA TRP B 122 16.93 10.07 -16.10
C TRP B 122 15.78 9.16 -16.42
N GLN B 123 15.66 8.10 -15.63
CA GLN B 123 14.67 7.06 -15.89
C GLN B 123 13.28 7.64 -15.95
N GLU B 124 12.90 8.38 -14.92
CA GLU B 124 11.53 8.89 -14.81
C GLU B 124 11.21 9.86 -15.98
N PRO B 125 12.05 10.91 -16.21
CA PRO B 125 11.92 11.77 -17.39
C PRO B 125 11.89 11.03 -18.72
N LEU B 126 12.82 10.12 -18.91
CA LEU B 126 12.86 9.38 -20.17
C LEU B 126 11.57 8.61 -20.47
N GLU B 127 10.89 8.13 -19.42
CA GLU B 127 9.61 7.44 -19.59
C GLU B 127 8.51 8.37 -20.06
N LYS B 128 8.56 9.61 -19.60
CA LYS B 128 7.60 10.61 -20.04
C LYS B 128 7.90 11.10 -21.46
N VAL B 129 9.18 11.13 -21.83
CA VAL B 129 9.64 11.79 -23.06
C VAL B 129 9.78 10.88 -24.28
N ALA B 130 10.19 9.62 -24.07
CA ALA B 130 10.52 8.72 -25.18
C ALA B 130 9.34 8.38 -26.09
N PRO B 131 8.12 8.17 -25.52
CA PRO B 131 6.95 7.95 -26.39
C PRO B 131 6.59 9.14 -27.30
N ARG B 132 6.85 10.37 -26.82
CA ARG B 132 6.63 11.60 -27.61
C ARG B 132 7.50 11.74 -28.84
N TYR B 133 8.61 10.99 -28.89
CA TYR B 133 9.52 11.02 -30.04
C TYR B 133 10.04 9.62 -30.46
N PRO B 134 9.20 8.79 -31.09
CA PRO B 134 9.60 7.44 -31.51
C PRO B 134 10.75 7.39 -32.55
N GLU B 135 10.94 8.47 -33.31
CA GLU B 135 12.06 8.56 -34.26
C GLU B 135 13.40 8.87 -33.55
N GLN B 136 13.37 9.34 -32.30
CA GLN B 136 14.60 9.66 -31.56
C GLN B 136 15.14 8.47 -30.75
N LYS B 137 16.44 8.22 -30.87
CA LYS B 137 17.10 7.12 -30.19
C LYS B 137 17.75 7.57 -28.91
N TYR B 138 17.56 6.77 -27.86
CA TYR B 138 18.08 7.06 -26.53
C TYR B 138 18.80 5.86 -25.98
N ALA B 139 19.82 6.09 -25.19
CA ALA B 139 20.49 5.02 -24.46
C ALA B 139 20.57 5.46 -23.03
N LEU B 140 20.05 4.63 -22.14
CA LEU B 140 20.00 4.96 -20.75
C LEU B 140 21.05 4.12 -20.05
N ILE B 141 21.94 4.80 -19.32
CA ILE B 141 23.02 4.13 -18.68
C ILE B 141 22.74 4.06 -17.19
N ASP B 142 22.82 2.84 -16.66
CA ASP B 142 22.69 2.56 -15.23
C ASP B 142 21.23 2.55 -14.75
N ALA B 143 20.32 2.20 -15.66
CA ALA B 143 18.89 2.14 -15.35
C ALA B 143 18.10 1.61 -16.52
N ALA B 144 16.94 1.03 -16.24
CA ALA B 144 16.00 0.59 -17.29
C ALA B 144 14.67 1.28 -17.10
N THR B 145 13.94 1.34 -18.19
CA THR B 145 12.63 1.96 -18.21
C THR B 145 11.63 0.83 -17.92
N ARG B 146 10.48 1.13 -17.31
CA ARG B 146 9.44 0.12 -17.01
C ARG B 146 8.91 -0.46 -18.33
N GLU B 147 8.30 0.43 -19.12
CA GLU B 147 7.69 0.08 -20.41
C GLU B 147 8.83 -0.20 -21.40
N ARG B 148 8.60 -1.14 -22.32
CA ARG B 148 9.64 -1.53 -23.28
C ARG B 148 9.49 -0.74 -24.60
N TYR B 149 10.41 0.20 -24.83
CA TYR B 149 10.34 1.07 -26.00
C TYR B 149 11.34 0.70 -27.06
N ASP B 150 10.90 0.70 -28.31
CA ASP B 150 11.78 0.33 -29.41
C ASP B 150 12.92 1.34 -29.61
N ASN B 151 12.71 2.60 -29.18
CA ASN B 151 13.74 3.62 -29.35
C ASN B 151 14.61 3.91 -28.12
N VAL B 152 14.62 3.00 -27.15
CA VAL B 152 15.38 3.16 -25.92
C VAL B 152 16.15 1.90 -25.60
N ALA B 153 17.47 1.98 -25.67
CA ALA B 153 18.33 0.87 -25.30
C ALA B 153 18.93 1.14 -23.91
N SER B 154 18.54 0.32 -22.93
CA SER B 154 18.88 0.52 -21.51
C SER B 154 20.00 -0.40 -21.08
N TYR B 155 20.97 0.15 -20.37
CA TYR B 155 22.13 -0.61 -19.96
C TYR B 155 22.18 -0.69 -18.42
N LEU B 156 21.87 -1.88 -17.93
CA LEU B 156 21.85 -2.21 -16.49
C LEU B 156 23.08 -2.98 -16.05
N PHE B 157 23.38 -2.88 -14.76
CA PHE B 157 24.41 -3.72 -14.16
C PHE B 157 23.86 -4.46 -12.94
N ARG B 158 24.41 -5.64 -12.70
CA ARG B 158 24.11 -6.42 -11.50
C ARG B 158 25.28 -6.21 -10.52
N GLU B 159 25.25 -5.07 -9.84
CA GLU B 159 26.37 -4.59 -9.04
C GLU B 159 26.65 -5.42 -7.80
N GLN B 160 25.64 -6.15 -7.35
CA GLN B 160 25.81 -7.10 -6.21
C GLN B 160 26.95 -8.02 -6.52
N GLU B 161 27.14 -8.32 -7.80
CA GLU B 161 28.12 -9.29 -8.20
C GLU B 161 29.53 -8.79 -7.98
N VAL B 162 29.81 -7.53 -8.30
CA VAL B 162 31.14 -6.95 -8.07
C VAL B 162 31.29 -6.49 -6.62
N ALA B 163 30.24 -5.94 -6.04
CA ALA B 163 30.31 -5.44 -4.66
C ALA B 163 30.57 -6.58 -3.68
N SER B 164 30.04 -7.73 -4.01
CA SER B 164 30.26 -8.97 -3.28
C SER B 164 31.74 -9.32 -3.16
N LEU B 165 32.42 -9.44 -4.30
CA LEU B 165 33.86 -9.69 -4.33
C LEU B 165 34.61 -8.61 -3.56
N VAL B 166 34.19 -7.36 -3.72
CA VAL B 166 34.81 -6.23 -3.02
C VAL B 166 34.61 -6.37 -1.52
N GLY B 167 33.46 -6.86 -1.10
CA GLY B 167 33.19 -7.07 0.33
C GLY B 167 34.08 -8.12 1.00
N ILE B 168 34.34 -9.19 0.26
CA ILE B 168 35.23 -10.24 0.73
C ILE B 168 36.61 -9.67 0.96
N ILE B 169 37.13 -8.97 -0.04
CA ILE B 169 38.45 -8.36 0.03
C ILE B 169 38.54 -7.36 1.18
N ALA B 170 37.47 -6.59 1.36
CA ALA B 170 37.44 -5.54 2.37
C ALA B 170 37.48 -6.17 3.76
N ALA B 171 36.73 -7.26 3.94
CA ALA B 171 36.77 -8.05 5.20
C ALA B 171 38.16 -8.64 5.50
N ASP B 172 38.78 -9.21 4.47
CA ASP B 172 40.09 -9.80 4.61
C ASP B 172 41.10 -8.77 5.03
N ILE B 173 41.13 -7.63 4.34
CA ILE B 173 42.08 -6.58 4.69
C ILE B 173 41.78 -6.12 6.10
N ALA B 174 40.50 -5.82 6.35
CA ALA B 174 40.09 -5.37 7.68
C ALA B 174 40.60 -6.31 8.75
N ASN B 175 40.39 -7.60 8.52
CA ASN B 175 40.94 -8.62 9.37
C ASN B 175 42.46 -8.52 9.54
N ASN B 176 43.23 -8.58 8.45
CA ASN B 176 44.69 -8.45 8.52
C ASN B 176 45.20 -7.17 9.18
N ILE B 177 44.42 -6.10 9.12
CA ILE B 177 44.74 -4.88 9.88
C ILE B 177 44.54 -5.16 11.37
N SER B 178 43.40 -5.77 11.72
CA SER B 178 43.12 -6.17 13.12
C SER B 178 44.19 -7.06 13.72
N LYS B 179 44.86 -7.86 12.90
CA LYS B 179 45.98 -8.65 13.36
C LYS B 179 47.16 -7.72 13.58
N ALA B 180 47.73 -7.19 12.49
CA ALA B 180 48.94 -6.33 12.58
C ALA B 180 48.83 -5.18 13.58
N THR B 181 47.60 -4.85 14.00
CA THR B 181 47.34 -3.73 14.91
C THR B 181 46.85 -4.16 16.30
N GLY B 182 46.04 -5.22 16.34
CA GLY B 182 45.39 -5.64 17.58
C GLY B 182 44.34 -4.62 18.01
N GLU B 183 43.56 -4.10 17.07
CA GLU B 183 42.41 -3.27 17.39
C GLU B 183 41.35 -3.48 16.35
N GLU B 184 40.12 -3.06 16.65
CA GLU B 184 39.00 -3.19 15.71
C GLU B 184 39.34 -2.53 14.38
N ALA B 185 39.12 -3.26 13.30
CA ALA B 185 39.18 -2.70 11.95
C ALA B 185 37.87 -3.04 11.25
N LYS B 186 37.02 -2.03 11.04
CA LYS B 186 35.76 -2.21 10.35
C LYS B 186 35.92 -1.85 8.89
N ALA B 187 35.18 -2.56 8.05
CA ALA B 187 35.04 -2.20 6.64
C ALA B 187 33.90 -1.19 6.58
N GLY B 188 33.94 -0.30 5.59
CA GLY B 188 32.88 0.70 5.46
C GLY B 188 32.61 1.12 4.03
N ALA B 189 31.63 2.00 3.87
CA ALA B 189 31.27 2.52 2.55
C ALA B 189 30.70 3.93 2.60
N VAL B 190 31.36 4.84 1.90
CA VAL B 190 30.83 6.17 1.65
C VAL B 190 29.96 6.08 0.40
N ALA B 191 28.65 6.09 0.61
CA ALA B 191 27.69 6.00 -0.50
C ALA B 191 27.18 7.38 -0.87
N GLY B 192 26.73 7.53 -2.12
CA GLY B 192 26.13 8.77 -2.60
C GLY B 192 24.65 8.83 -2.24
N ASP B 194 20.74 7.56 -2.02
CA ASP B 194 19.98 6.33 -1.84
C ASP B 194 19.21 6.03 -3.14
N ILE B 195 19.71 5.15 -3.99
CA ILE B 195 18.99 4.81 -5.25
C ILE B 195 19.24 3.38 -5.71
N PRO B 196 18.35 2.86 -6.57
CA PRO B 196 18.40 1.43 -6.92
C PRO B 196 19.76 0.84 -7.26
N PRO B 197 20.55 1.51 -8.10
CA PRO B 197 21.88 0.96 -8.33
C PRO B 197 22.73 0.83 -7.06
N LEU B 198 22.50 1.72 -6.10
CA LEU B 198 23.24 1.66 -4.82
C LEU B 198 22.69 0.66 -3.84
N TRP B 199 21.41 0.32 -3.96
CA TRP B 199 20.85 -0.78 -3.20
C TRP B 199 21.61 -2.05 -3.55
N ARG B 200 21.86 -2.22 -4.85
CA ARG B 200 22.56 -3.40 -5.32
C ARG B 200 24.00 -3.39 -4.88
N PHE B 201 24.59 -2.20 -4.78
CA PHE B 201 25.96 -2.11 -4.28
C PHE B 201 26.00 -2.52 -2.82
N HIS B 202 25.00 -2.04 -2.06
CA HIS B 202 24.92 -2.30 -0.62
C HIS B 202 24.80 -3.79 -0.36
N ILE B 203 23.79 -4.38 -0.98
CA ILE B 203 23.49 -5.80 -0.81
C ILE B 203 24.73 -6.63 -1.13
N GLY B 204 25.35 -6.35 -2.27
CA GLY B 204 26.55 -7.08 -2.64
C GLY B 204 27.64 -6.92 -1.62
N TYR B 205 27.93 -5.68 -1.23
CA TYR B 205 29.03 -5.39 -0.31
C TYR B 205 28.81 -6.15 0.99
N LEU B 206 27.60 -6.02 1.52
CA LEU B 206 27.26 -6.72 2.75
C LEU B 206 27.46 -8.25 2.64
N TYR B 207 26.87 -8.84 1.61
CA TYR B 207 26.98 -10.28 1.39
C TYR B 207 28.44 -10.76 1.35
N GLY B 208 29.33 -9.98 0.75
CA GLY B 208 30.74 -10.34 0.69
C GLY B 208 31.42 -10.32 2.04
N VAL B 209 31.00 -9.38 2.88
CA VAL B 209 31.60 -9.25 4.19
C VAL B 209 31.18 -10.44 5.05
N GLN B 210 29.90 -10.78 5.02
CA GLN B 210 29.37 -11.89 5.81
C GLN B 210 29.84 -13.24 5.28
N TYR B 211 29.94 -13.33 3.97
CA TYR B 211 30.40 -14.52 3.31
C TYR B 211 31.84 -14.85 3.75
N TYR B 212 32.62 -13.82 4.05
CA TYR B 212 33.93 -14.00 4.67
C TYR B 212 33.80 -14.41 6.13
N ASN B 213 32.94 -13.73 6.86
CA ASN B 213 32.73 -14.01 8.28
C ASN B 213 32.27 -15.43 8.54
N GLN B 214 31.32 -15.90 7.73
CA GLN B 214 30.84 -17.27 7.85
C GLN B 214 31.92 -18.27 7.43
N ALA B 215 32.65 -17.97 6.37
CA ALA B 215 33.68 -18.89 5.89
C ALA B 215 34.93 -18.91 6.76
N GLY B 217 34.82 -17.65 10.21
CA GLY B 217 34.42 -17.53 11.61
C GLY B 217 34.80 -16.23 12.31
N THR B 218 35.01 -15.16 11.55
CA THR B 218 35.37 -13.83 12.09
C THR B 218 34.11 -13.01 12.25
N ASP B 219 34.21 -11.87 12.95
CA ASP B 219 33.12 -10.90 12.99
C ASP B 219 33.64 -9.49 12.65
N VAL B 220 33.79 -9.24 11.34
CA VAL B 220 34.13 -7.92 10.84
C VAL B 220 32.85 -7.10 10.67
N GLU B 221 32.78 -5.95 11.32
CA GLU B 221 31.63 -5.08 11.17
C GLU B 221 31.78 -4.20 9.92
N VAL B 223 30.17 -0.56 8.13
CA VAL B 223 29.36 0.65 8.22
C VAL B 223 29.03 1.18 6.82
N TRP B 224 27.74 1.35 6.52
CA TRP B 224 27.31 1.92 5.25
C TRP B 224 26.62 3.24 5.47
N THR B 225 27.15 4.29 4.84
CA THR B 225 26.61 5.63 5.05
C THR B 225 26.31 6.32 3.71
N TYR B 226 25.02 6.67 3.53
CA TYR B 226 24.58 7.49 2.40
C TYR B 226 24.82 8.97 2.71
N THR B 227 25.66 9.62 1.92
CA THR B 227 25.89 11.06 2.05
C THR B 227 24.76 11.85 1.36
N GLY B 228 24.08 11.17 0.43
CA GLY B 228 22.95 11.74 -0.29
C GLY B 228 23.38 12.60 -1.46
N ARG B 229 24.62 12.44 -1.91
CA ARG B 229 25.16 13.30 -2.97
C ARG B 229 26.29 12.65 -3.76
N PHE B 230 26.28 12.85 -5.08
CA PHE B 230 27.32 12.33 -5.99
C PHE B 230 28.43 13.35 -6.35
N ASP B 231 28.18 14.62 -6.02
CA ASP B 231 28.94 15.76 -6.51
C ASP B 231 29.58 16.58 -5.39
N ASP B 232 29.88 15.96 -4.24
CA ASP B 232 30.32 16.72 -3.06
C ASP B 232 31.55 16.12 -2.37
N PRO B 233 32.75 16.33 -2.95
CA PRO B 233 33.90 15.61 -2.39
C PRO B 233 34.22 16.00 -0.94
N THR B 234 34.01 17.27 -0.58
CA THR B 234 34.20 17.68 0.81
C THR B 234 33.25 16.91 1.73
N LEU B 235 32.01 16.68 1.29
CA LEU B 235 31.07 15.88 2.09
C LEU B 235 31.54 14.45 2.28
N GLY B 236 32.21 13.91 1.27
CA GLY B 236 32.74 12.56 1.34
C GLY B 236 33.90 12.45 2.29
N LYS B 237 34.66 13.53 2.41
CA LYS B 237 35.77 13.61 3.34
C LYS B 237 35.29 13.71 4.80
N THR B 238 34.23 14.51 5.03
CA THR B 238 33.64 14.64 6.36
C THR B 238 33.14 13.29 6.84
N THR B 239 32.33 12.67 6.00
CA THR B 239 31.80 11.36 6.26
C THR B 239 32.90 10.37 6.61
N ALA B 240 33.95 10.33 5.79
CA ALA B 240 35.03 9.35 5.96
C ALA B 240 35.79 9.53 7.25
N GLU B 241 36.04 10.76 7.64
CA GLU B 241 36.84 11.04 8.84
C GLU B 241 36.06 10.69 10.09
N GLN B 242 34.76 10.96 10.05
CA GLN B 242 33.88 10.54 11.13
C GLN B 242 33.90 9.01 11.22
N LEU B 244 36.35 7.05 10.32
CA LEU B 244 37.66 6.73 10.94
C LEU B 244 37.65 6.73 12.47
N GLN B 245 36.93 7.68 13.06
CA GLN B 245 36.76 7.70 14.51
C GLN B 245 35.94 6.53 15.03
N GLN B 246 35.01 5.98 14.23
CA GLN B 246 34.26 4.78 14.61
C GLN B 246 35.04 3.48 14.31
N GLY B 247 36.31 3.60 13.94
CA GLY B 247 37.17 2.41 13.75
C GLY B 247 37.14 1.74 12.38
N VAL B 248 36.56 2.42 11.38
CA VAL B 248 36.54 1.93 10.01
C VAL B 248 37.91 2.15 9.40
N ARG B 249 38.52 1.08 8.89
CA ARG B 249 39.85 1.20 8.31
C ARG B 249 39.95 0.67 6.86
N VAL B 250 38.84 0.18 6.32
CA VAL B 250 38.73 -0.10 4.88
C VAL B 250 37.52 0.61 4.31
N PHE B 251 37.73 1.43 3.29
CA PHE B 251 36.72 2.31 2.75
C PHE B 251 36.37 2.00 1.29
N TYR B 252 35.14 1.54 1.06
CA TYR B 252 34.63 1.38 -0.29
C TYR B 252 33.97 2.70 -0.82
N GLY B 253 34.54 3.25 -1.88
CA GLY B 253 33.99 4.45 -2.50
C GLY B 253 32.86 4.16 -3.48
N VAL B 254 31.66 4.59 -3.13
CA VAL B 254 30.49 4.31 -3.96
C VAL B 254 29.62 5.57 -4.09
N ALA B 255 30.19 6.63 -4.62
CA ALA B 255 29.56 7.95 -4.57
C ALA B 255 30.05 8.89 -5.67
N GLY B 256 30.57 8.32 -6.76
CA GLY B 256 31.23 9.13 -7.79
C GLY B 256 32.14 10.18 -7.18
N LEU B 257 31.98 11.43 -7.60
CA LEU B 257 32.91 12.49 -7.21
C LEU B 257 33.07 12.57 -5.72
N THR B 258 31.97 12.43 -4.99
CA THR B 258 31.96 12.51 -3.53
C THR B 258 33.02 11.66 -2.85
N HIS B 259 33.23 10.42 -3.29
CA HIS B 259 34.20 9.58 -2.60
C HIS B 259 35.65 9.90 -2.94
N VAL B 260 35.89 10.89 -3.80
CA VAL B 260 37.23 11.46 -3.91
C VAL B 260 37.66 12.13 -2.58
N GLY B 261 36.71 12.72 -1.87
CA GLY B 261 36.94 13.19 -0.50
C GLY B 261 37.41 12.08 0.42
N PHE B 263 38.97 9.23 -0.43
CA PHE B 263 40.36 8.92 -0.79
C PHE B 263 41.36 9.84 -0.11
N ASN B 264 40.95 11.09 0.05
CA ASN B 264 41.82 12.10 0.64
C ASN B 264 41.89 11.98 2.16
N ALA B 265 40.75 11.76 2.80
CA ALA B 265 40.73 11.44 4.23
C ALA B 265 41.66 10.29 4.58
N VAL B 266 41.68 9.27 3.75
CA VAL B 266 42.49 8.08 4.04
C VAL B 266 43.96 8.36 3.75
N LYS B 267 44.24 9.11 2.68
CA LYS B 267 45.59 9.54 2.31
C LYS B 267 46.21 10.26 3.50
N GLU B 268 45.43 11.16 4.09
CA GLU B 268 45.87 11.99 5.21
C GLU B 268 46.04 11.21 6.51
N ALA B 269 45.14 10.27 6.78
CA ALA B 269 45.28 9.39 7.96
C ALA B 269 46.48 8.46 7.86
N ALA B 270 46.71 7.89 6.68
CA ALA B 270 47.91 7.10 6.41
C ALA B 270 49.17 7.89 6.73
N ALA B 271 49.30 9.07 6.14
CA ALA B 271 50.45 9.95 6.38
C ALA B 271 50.68 10.22 7.88
N ARG B 272 49.61 10.27 8.67
CA ARG B 272 49.68 10.38 10.14
C ARG B 272 49.92 9.02 10.81
N GLY B 273 50.33 8.01 10.06
CA GLY B 273 50.67 6.72 10.64
C GLY B 273 49.54 5.70 10.72
N VAL B 274 48.29 6.12 10.49
CA VAL B 274 47.16 5.17 10.52
C VAL B 274 47.15 4.22 9.31
N ILE B 275 47.09 2.93 9.61
CA ILE B 275 46.97 1.87 8.61
C ILE B 275 45.52 1.75 8.15
N ALA B 276 45.25 2.22 6.92
CA ALA B 276 43.90 2.15 6.34
C ALA B 276 43.97 2.21 4.83
N PHE B 277 42.95 1.65 4.17
CA PHE B 277 42.95 1.53 2.71
C PHE B 277 41.60 1.95 2.11
N SER B 278 41.64 2.41 0.87
CA SER B 278 40.44 2.72 0.14
C SER B 278 40.29 1.74 -1.04
N ILE B 279 39.04 1.58 -1.45
CA ILE B 279 38.69 0.81 -2.61
C ILE B 279 37.89 1.68 -3.55
N GLY B 280 38.37 1.82 -4.78
CA GLY B 280 37.69 2.58 -5.82
C GLY B 280 36.50 1.87 -6.46
N GLN B 281 35.89 2.54 -7.43
CA GLN B 281 34.72 2.03 -8.11
C GLN B 281 34.58 2.69 -9.49
N ASP B 282 33.93 1.95 -10.41
CA ASP B 282 33.67 2.34 -11.81
C ASP B 282 34.97 2.32 -12.59
N ALA B 283 35.83 3.32 -12.41
CA ALA B 283 37.17 3.25 -12.97
C ALA B 283 38.09 2.48 -12.02
N SER B 284 39.27 2.13 -12.50
CA SER B 284 40.39 1.83 -11.63
C SER B 284 40.97 3.19 -11.18
N GLN B 285 40.90 3.45 -9.88
CA GLN B 285 41.36 4.73 -9.34
C GLN B 285 42.61 4.65 -8.50
N GLU B 286 43.20 3.45 -8.43
CA GLU B 286 44.53 3.23 -7.87
C GLU B 286 45.49 4.37 -8.19
N TRP B 287 45.58 4.74 -9.46
CA TRP B 287 46.51 5.78 -9.91
C TRP B 287 46.49 7.07 -9.06
N TYR B 288 45.31 7.45 -8.57
CA TYR B 288 45.12 8.69 -7.81
C TYR B 288 45.97 8.73 -6.54
N ASP B 289 45.90 7.67 -5.72
CA ASP B 289 46.82 7.41 -4.60
C ASP B 289 47.05 5.91 -4.40
N PRO B 290 48.09 5.39 -5.02
CA PRO B 290 48.35 3.94 -5.05
C PRO B 290 48.75 3.33 -3.71
N GLN B 291 49.40 4.11 -2.84
CA GLN B 291 49.75 3.65 -1.49
C GLN B 291 48.53 3.19 -0.69
N THR B 292 47.45 3.97 -0.78
CA THR B 292 46.25 3.71 0.02
C THR B 292 45.09 3.10 -0.77
N ILE B 293 45.02 3.32 -2.09
CA ILE B 293 43.97 2.71 -2.92
C ILE B 293 44.51 1.46 -3.59
N ILE B 294 44.11 0.28 -3.08
CA ILE B 294 44.73 -0.98 -3.49
C ILE B 294 43.96 -1.77 -4.55
N ILE B 295 42.66 -1.58 -4.62
CA ILE B 295 41.80 -2.33 -5.52
C ILE B 295 40.66 -1.40 -5.98
N SER B 296 39.94 -1.75 -7.06
CA SER B 296 38.74 -1.02 -7.49
C SER B 296 37.74 -1.99 -8.08
N GLY B 297 36.45 -1.79 -7.79
CA GLY B 297 35.42 -2.49 -8.54
C GLY B 297 35.19 -1.78 -9.88
N LEU B 298 35.25 -2.52 -10.98
CA LEU B 298 35.06 -1.90 -12.29
C LEU B 298 33.61 -1.99 -12.73
N LYS B 299 33.14 -0.91 -13.34
CA LYS B 299 31.83 -0.88 -13.96
C LYS B 299 32.00 -0.24 -15.33
N ARG B 300 31.86 -1.04 -16.38
CA ARG B 300 32.27 -0.62 -17.73
C ARG B 300 31.26 0.27 -18.41
N VAL B 301 31.11 1.45 -17.83
CA VAL B 301 30.21 2.44 -18.36
C VAL B 301 30.76 2.94 -19.70
N ASP B 302 32.09 3.00 -19.83
CA ASP B 302 32.74 3.33 -21.11
C ASP B 302 32.32 2.41 -22.26
N VAL B 303 32.40 1.09 -22.02
CA VAL B 303 32.07 0.08 -23.03
C VAL B 303 30.58 0.08 -23.35
N ALA B 304 29.76 0.37 -22.35
CA ALA B 304 28.32 0.48 -22.58
C ALA B 304 28.00 1.62 -23.55
N VAL B 305 28.54 2.79 -23.24
CA VAL B 305 28.34 4.00 -24.04
C VAL B 305 28.96 3.89 -25.43
N TYR B 306 30.20 3.42 -25.50
CA TYR B 306 30.87 3.17 -26.79
C TYR B 306 30.04 2.23 -27.68
N THR B 307 29.52 1.17 -27.08
CA THR B 307 28.76 0.18 -27.80
C THR B 307 27.41 0.72 -28.31
N ALA B 308 26.68 1.47 -27.49
CA ALA B 308 25.42 2.08 -27.93
C ALA B 308 25.65 2.97 -29.13
N ILE B 309 26.65 3.83 -29.03
CA ILE B 309 27.04 4.73 -30.12
C ILE B 309 27.50 3.96 -31.36
N LYS B 310 28.18 2.83 -31.15
CA LYS B 310 28.65 2.06 -32.28
C LYS B 310 27.51 1.42 -33.02
N ASP B 311 26.54 0.88 -32.28
CA ASP B 311 25.32 0.35 -32.89
C ASP B 311 24.67 1.39 -33.81
N VAL B 312 24.66 2.65 -33.39
CA VAL B 312 24.08 3.71 -34.23
C VAL B 312 24.93 3.88 -35.49
N VAL B 313 26.24 4.00 -35.34
CA VAL B 313 27.12 4.12 -36.49
C VAL B 313 26.95 2.93 -37.45
N GLU B 314 26.68 1.74 -36.93
CA GLU B 314 26.61 0.53 -37.74
C GLU B 314 25.19 0.17 -38.15
N GLY B 315 24.22 1.00 -37.84
CA GLY B 315 22.81 0.66 -38.11
C GLY B 315 22.27 -0.54 -37.34
N ARG B 316 22.75 -0.73 -36.11
CA ARG B 316 22.48 -1.96 -35.36
C ARG B 316 21.78 -1.73 -34.04
N PHE B 317 21.36 -0.49 -33.81
CA PHE B 317 20.67 -0.10 -32.61
C PHE B 317 19.35 -0.78 -32.49
N ARG B 318 19.14 -1.34 -31.33
CA ARG B 318 17.89 -1.99 -31.04
C ARG B 318 17.42 -1.59 -29.62
N GLY B 319 16.16 -1.19 -29.50
CA GLY B 319 15.57 -1.02 -28.19
C GLY B 319 15.56 -2.35 -27.42
N GLY B 320 15.87 -2.28 -26.13
CA GLY B 320 15.85 -3.43 -25.23
C GLY B 320 16.50 -3.15 -23.90
N ILE B 321 16.77 -4.19 -23.12
CA ILE B 321 17.50 -4.10 -21.86
C ILE B 321 18.78 -4.91 -21.98
N VAL B 322 19.94 -4.29 -21.74
CA VAL B 322 21.18 -5.03 -21.68
C VAL B 322 21.62 -5.10 -20.21
N SER B 323 21.49 -6.29 -19.61
CA SER B 323 21.94 -6.50 -18.23
C SER B 323 23.39 -6.96 -18.25
N LEU B 324 24.23 -6.34 -17.42
CA LEU B 324 25.67 -6.63 -17.44
C LEU B 324 26.25 -6.97 -16.07
N GLY B 325 27.20 -7.91 -16.07
CA GLY B 325 27.80 -8.42 -14.85
C GLY B 325 29.14 -9.05 -15.13
N LEU B 326 29.57 -9.97 -14.28
CA LEU B 326 30.88 -10.61 -14.45
C LEU B 326 30.92 -11.49 -15.70
N LYS B 327 29.90 -12.33 -15.89
CA LYS B 327 29.85 -13.19 -17.07
C LYS B 327 30.24 -12.44 -18.33
N GLU B 328 29.64 -11.27 -18.54
CA GLU B 328 29.82 -10.45 -19.74
C GLU B 328 31.08 -9.55 -19.75
N GLY B 329 31.85 -9.49 -18.66
CA GLY B 329 32.97 -8.54 -18.58
C GLY B 329 32.54 -7.09 -18.29
N GLY B 330 31.28 -6.89 -17.91
CA GLY B 330 30.77 -5.55 -17.63
C GLY B 330 31.18 -5.09 -16.24
N LEU B 331 31.48 -6.05 -15.37
CA LEU B 331 31.94 -5.79 -14.02
C LEU B 331 33.18 -6.64 -13.74
N GLY B 332 34.09 -6.14 -12.92
CA GLY B 332 35.30 -6.89 -12.59
C GLY B 332 36.10 -6.30 -11.44
N LEU B 333 37.29 -6.84 -11.23
CA LEU B 333 38.19 -6.32 -10.21
C LEU B 333 39.40 -5.76 -10.92
N SER B 334 39.96 -4.72 -10.34
CA SER B 334 41.10 -4.07 -10.94
C SER B 334 42.24 -5.08 -11.05
N ASP B 335 42.86 -5.19 -12.22
CA ASP B 335 44.00 -6.07 -12.40
C ASP B 335 45.16 -5.29 -13.00
N GLU B 336 46.34 -5.89 -12.95
CA GLU B 336 47.57 -5.25 -13.43
C GLU B 336 47.42 -4.45 -14.74
N GLU B 337 46.78 -5.09 -15.71
CA GLU B 337 46.65 -4.54 -17.06
C GLU B 337 45.76 -3.29 -17.08
N ILE B 338 44.65 -3.35 -16.34
CA ILE B 338 43.69 -2.24 -16.24
C ILE B 338 44.25 -1.04 -15.48
N ILE B 339 44.91 -1.31 -14.36
CA ILE B 339 45.49 -0.26 -13.54
C ILE B 339 46.37 0.64 -14.36
N ARG B 340 47.14 0.01 -15.24
CA ARG B 340 48.08 0.71 -16.12
C ARG B 340 47.31 1.49 -17.16
N TYR B 341 46.33 0.84 -17.80
CA TYR B 341 45.51 1.49 -18.80
C TYR B 341 45.05 2.85 -18.28
N PHE B 342 44.38 2.88 -17.12
CA PHE B 342 43.88 4.13 -16.55
C PHE B 342 44.98 5.04 -16.03
N ALA B 343 46.00 4.48 -15.40
CA ALA B 343 47.20 5.26 -15.05
C ALA B 343 47.78 6.01 -16.27
N GLU B 344 47.80 5.35 -17.43
CA GLU B 344 48.33 5.95 -18.67
C GLU B 344 47.40 7.01 -19.24
N ILE B 345 46.09 6.81 -19.07
CA ILE B 345 45.11 7.85 -19.41
C ILE B 345 45.34 9.07 -18.52
N ALA B 346 45.44 8.84 -17.21
CA ALA B 346 45.71 9.91 -16.24
C ALA B 346 47.01 10.68 -16.52
N ALA B 347 48.06 9.96 -16.89
CA ALA B 347 49.32 10.59 -17.33
C ALA B 347 49.13 11.53 -18.52
N GLU B 348 48.44 11.08 -19.56
CA GLU B 348 48.21 11.95 -20.73
C GLU B 348 47.31 13.14 -20.41
N THR B 349 46.42 12.98 -19.43
CA THR B 349 45.47 14.02 -19.03
C THR B 349 46.07 15.06 -18.07
N GLY B 350 47.21 14.74 -17.46
CA GLY B 350 47.85 15.66 -16.53
C GLY B 350 47.39 15.53 -15.10
N GLN B 351 46.60 14.49 -14.83
CA GLN B 351 46.02 14.26 -13.51
C GLN B 351 46.84 13.28 -12.68
N LEU B 352 47.88 12.69 -13.22
CA LEU B 352 48.66 11.76 -12.41
C LEU B 352 49.44 12.54 -11.36
N PRO B 353 49.39 12.12 -10.08
CA PRO B 353 50.23 12.73 -9.05
C PRO B 353 51.68 12.78 -9.50
N GLU B 354 52.24 13.97 -9.70
CA GLU B 354 53.52 14.08 -10.39
C GLU B 354 54.66 13.42 -9.61
N GLY B 355 55.72 13.08 -10.33
CA GLY B 355 56.78 12.20 -9.84
C GLY B 355 56.28 10.78 -9.70
N LEU B 356 55.64 10.27 -10.75
CA LEU B 356 54.92 8.99 -10.70
C LEU B 356 54.57 8.54 -12.12
N THR B 357 54.77 7.28 -12.43
CA THR B 357 54.50 6.76 -13.75
C THR B 357 53.42 5.71 -13.60
N PRO B 358 52.79 5.32 -14.72
CA PRO B 358 51.85 4.23 -14.69
C PRO B 358 52.48 2.91 -14.24
N GLU B 359 53.72 2.68 -14.63
CA GLU B 359 54.48 1.51 -14.18
C GLU B 359 54.66 1.53 -12.66
N LYS B 360 55.08 2.69 -12.15
CA LYS B 360 55.34 2.85 -10.71
C LYS B 360 54.06 2.59 -9.91
N VAL B 361 52.92 2.93 -10.50
CA VAL B 361 51.60 2.72 -9.88
C VAL B 361 51.31 1.23 -9.71
N VAL B 362 51.48 0.49 -10.79
CA VAL B 362 51.25 -0.93 -10.76
C VAL B 362 52.17 -1.58 -9.75
N GLU B 363 53.43 -1.12 -9.68
CA GLU B 363 54.39 -1.70 -8.73
C GLU B 363 53.91 -1.58 -7.29
N ILE B 364 53.57 -0.34 -6.91
CA ILE B 364 53.09 -0.02 -5.55
C ILE B 364 51.82 -0.77 -5.16
N VAL B 365 50.80 -0.70 -6.02
CA VAL B 365 49.51 -1.34 -5.77
C VAL B 365 49.67 -2.85 -5.52
N SER B 367 52.53 -4.52 -4.77
CA SER B 367 53.33 -4.66 -3.55
C SER B 367 52.45 -4.73 -2.29
N GLN B 368 51.42 -3.88 -2.24
CA GLN B 368 50.53 -3.78 -1.08
C GLN B 368 49.46 -4.87 -1.06
N ARG B 369 49.13 -5.42 -2.22
CA ARG B 369 48.24 -6.58 -2.29
C ARG B 369 48.93 -7.85 -1.76
N GLU B 370 50.26 -7.94 -1.94
CA GLU B 370 51.08 -9.01 -1.34
C GLU B 370 51.09 -8.86 0.17
N LYS B 371 51.24 -7.62 0.65
CA LYS B 371 51.22 -7.38 2.08
C LYS B 371 49.85 -7.59 2.73
N TRP B 372 48.77 -7.12 2.13
CA TRP B 372 47.53 -6.95 2.90
C TRP B 372 46.34 -7.83 2.54
N ILE B 373 46.42 -8.55 1.42
CA ILE B 373 45.34 -9.46 1.01
C ILE B 373 45.86 -10.88 1.11
N SER B 374 45.31 -11.66 2.02
CA SER B 374 45.73 -13.04 2.20
C SER B 374 45.24 -13.88 1.03
N ASN B 375 45.77 -15.08 0.91
CA ASN B 375 45.32 -16.00 -0.14
C ASN B 375 44.03 -16.70 0.25
N ASP B 376 43.69 -16.63 1.53
CA ASP B 376 42.37 -17.05 1.99
C ASP B 376 41.33 -16.09 1.42
N GLY B 377 41.68 -14.81 1.37
CA GLY B 377 40.84 -13.82 0.73
C GLY B 377 40.62 -14.11 -0.75
N TRP B 378 41.72 -14.27 -1.48
CA TRP B 378 41.64 -14.56 -2.91
C TRP B 378 40.90 -15.87 -3.24
N ARG B 379 41.07 -16.91 -2.42
CA ARG B 379 40.36 -18.19 -2.64
C ARG B 379 38.86 -17.96 -2.67
N LEU B 380 38.36 -17.19 -1.72
CA LEU B 380 36.94 -16.92 -1.59
C LEU B 380 36.41 -16.00 -2.72
N VAL B 381 37.28 -15.17 -3.29
CA VAL B 381 36.94 -14.34 -4.44
C VAL B 381 36.74 -15.23 -5.67
N GLU B 382 37.79 -15.94 -6.07
CA GLU B 382 37.72 -16.90 -7.20
C GLU B 382 36.64 -17.98 -7.02
N GLU B 383 36.32 -18.31 -5.77
CA GLU B 383 35.22 -19.23 -5.44
C GLU B 383 33.85 -18.60 -5.69
N LEU B 384 33.58 -17.47 -5.06
CA LEU B 384 32.29 -16.79 -5.23
C LEU B 384 32.07 -16.26 -6.65
N LYS B 385 33.15 -15.81 -7.29
CA LYS B 385 33.11 -15.39 -8.69
C LYS B 385 32.56 -16.50 -9.57
N GLN B 386 33.19 -17.67 -9.43
CA GLN B 386 32.87 -18.81 -10.25
C GLN B 386 31.43 -19.32 -9.99
N LYS B 387 30.93 -19.21 -8.78
CA LYS B 387 29.54 -19.58 -8.51
C LYS B 387 28.55 -18.63 -9.15
N ILE B 388 28.95 -17.38 -9.39
CA ILE B 388 28.08 -16.39 -10.03
C ILE B 388 28.03 -16.65 -11.54
N ILE B 389 29.21 -16.81 -12.13
CA ILE B 389 29.36 -16.99 -13.57
C ILE B 389 28.61 -18.25 -14.00
N SER B 390 28.80 -19.31 -13.24
CA SER B 390 28.20 -20.60 -13.56
C SER B 390 26.66 -20.65 -13.34
N GLY B 391 26.08 -19.59 -12.80
CA GLY B 391 24.62 -19.54 -12.64
C GLY B 391 24.18 -20.04 -11.29
N GLU B 392 25.07 -20.75 -10.59
CA GLU B 392 24.79 -21.33 -9.27
C GLU B 392 24.22 -20.28 -8.31
N ILE B 393 24.89 -19.14 -8.23
CA ILE B 393 24.44 -18.01 -7.42
C ILE B 393 23.80 -16.93 -8.31
N LYS B 394 22.69 -16.36 -7.84
CA LYS B 394 21.93 -15.35 -8.58
C LYS B 394 21.28 -14.38 -7.61
N PHE B 395 21.72 -13.12 -7.68
CA PHE B 395 21.29 -12.10 -6.72
C PHE B 395 19.92 -11.55 -7.09
N VAL B 396 19.10 -11.28 -6.08
CA VAL B 396 17.78 -10.68 -6.29
C VAL B 396 17.93 -9.21 -6.66
N THR B 397 17.03 -8.73 -7.50
CA THR B 397 16.89 -7.31 -7.78
C THR B 397 15.68 -6.82 -7.01
N PRO B 398 15.89 -5.99 -5.97
CA PRO B 398 14.76 -5.52 -5.18
C PRO B 398 13.84 -4.59 -5.97
N GLN B 399 12.55 -4.76 -5.76
CA GLN B 399 11.52 -4.05 -6.52
C GLN B 399 11.02 -2.82 -5.75
N ASP B 400 11.78 -2.33 -4.78
CA ASP B 400 11.15 -1.67 -3.65
C ASP B 400 12.15 -1.17 -2.63
N HIS B 401 11.87 -0.05 -1.97
CA HIS B 401 12.68 0.35 -0.82
C HIS B 401 12.51 -0.61 0.37
N ASP B 402 11.28 -0.99 0.69
CA ASP B 402 11.00 -1.88 1.85
C ASP B 402 11.71 -3.23 1.72
N THR B 403 11.74 -3.76 0.50
CA THR B 403 12.42 -5.02 0.17
C THR B 403 13.93 -4.88 0.38
N TYR B 404 14.48 -3.82 -0.22
CA TYR B 404 15.89 -3.48 -0.04
C TYR B 404 16.25 -3.54 1.44
N ASP B 405 15.45 -2.87 2.26
CA ASP B 405 15.61 -2.89 3.73
C ASP B 405 15.58 -4.30 4.30
N SER B 406 14.48 -5.01 4.03
CA SER B 406 14.26 -6.28 4.72
C SER B 406 15.41 -7.22 4.38
N ILE B 407 15.89 -7.15 3.13
CA ILE B 407 17.06 -7.94 2.73
C ILE B 407 18.31 -7.59 3.56
N ILE B 408 18.50 -6.33 3.87
CA ILE B 408 19.70 -5.88 4.59
C ILE B 408 19.71 -6.40 6.04
N GLU B 409 18.55 -6.34 6.71
CA GLU B 409 18.42 -6.84 8.08
C GLU B 409 18.64 -8.34 8.14
N GLU B 410 18.16 -9.03 7.13
CA GLU B 410 18.44 -10.47 6.99
C GLU B 410 19.95 -10.76 6.93
N LEU B 411 20.65 -10.06 6.06
CA LEU B 411 22.10 -10.27 5.88
C LEU B 411 22.90 -9.91 7.12
N LYS B 412 22.34 -9.07 7.96
CA LYS B 412 22.95 -8.75 9.25
C LYS B 412 22.74 -9.88 10.26
N ALA B 413 21.58 -10.53 10.21
CA ALA B 413 21.29 -11.72 11.01
C ALA B 413 22.11 -12.96 10.60
N GLY B 414 22.90 -12.86 9.53
CA GLY B 414 23.66 -13.99 9.02
C GLY B 414 22.96 -14.75 7.89
N ASN B 415 21.70 -14.42 7.57
CA ASN B 415 20.98 -15.08 6.47
C ASN B 415 21.39 -14.57 5.04
N LEU B 416 22.51 -15.10 4.55
CA LEU B 416 23.00 -14.81 3.20
C LEU B 416 21.99 -15.18 2.13
N GLU B 417 21.26 -16.28 2.36
CA GLU B 417 20.26 -16.76 1.41
C GLU B 417 19.13 -15.75 1.14
N ALA B 418 18.98 -14.76 2.02
CA ALA B 418 17.96 -13.74 1.84
C ALA B 418 18.14 -12.87 0.58
N ALA B 419 19.38 -12.77 0.10
CA ALA B 419 19.72 -11.93 -1.06
C ALA B 419 19.77 -12.68 -2.40
N LEU B 420 19.31 -13.94 -2.41
CA LEU B 420 19.46 -14.85 -3.56
C LEU B 420 18.13 -15.48 -3.98
N GLU B 421 18.16 -16.29 -5.04
CA GLU B 421 16.98 -17.04 -5.47
C GLU B 421 17.26 -18.53 -5.58
N PRO C 52 -12.54 -48.20 -21.91
CA PRO C 52 -11.59 -47.18 -21.51
C PRO C 52 -11.20 -47.37 -20.04
N ILE C 53 -10.96 -46.30 -19.30
CA ILE C 53 -10.71 -46.36 -17.87
C ILE C 53 -11.95 -45.98 -17.04
N SER C 54 -12.12 -46.70 -15.94
CA SER C 54 -13.37 -46.74 -15.23
C SER C 54 -13.14 -46.36 -13.76
N VAL C 55 -13.92 -45.41 -13.25
CA VAL C 55 -13.71 -44.88 -11.91
C VAL C 55 -15.02 -44.88 -11.15
N LEU C 56 -14.94 -45.23 -9.86
CA LEU C 56 -16.07 -45.17 -8.97
C LEU C 56 -15.78 -44.07 -7.97
N VAL C 57 -16.71 -43.13 -7.85
CA VAL C 57 -16.64 -42.10 -6.84
C VAL C 57 -17.69 -42.41 -5.82
N LEU C 58 -17.23 -42.56 -4.59
CA LEU C 58 -18.00 -43.19 -3.56
C LEU C 58 -18.10 -42.17 -2.43
N PHE C 59 -19.27 -41.56 -2.32
CA PHE C 59 -19.49 -40.54 -1.33
C PHE C 59 -19.70 -41.12 0.05
N ASP C 60 -19.56 -40.23 1.01
CA ASP C 60 -19.61 -40.58 2.41
C ASP C 60 -21.06 -40.59 2.81
N VAL C 61 -21.62 -39.40 2.92
CA VAL C 61 -22.88 -39.20 3.59
C VAL C 61 -23.87 -38.69 2.55
N GLY C 62 -23.55 -37.53 1.98
CA GLY C 62 -24.53 -36.74 1.29
C GLY C 62 -24.76 -37.10 -0.16
N GLY C 63 -23.67 -37.21 -0.91
CA GLY C 63 -23.74 -37.12 -2.37
C GLY C 63 -23.76 -35.67 -2.85
N ARG C 64 -23.94 -35.49 -4.16
CA ARG C 64 -23.98 -34.15 -4.76
C ARG C 64 -25.19 -33.32 -4.29
N GLY C 65 -25.15 -32.01 -4.56
CA GLY C 65 -26.14 -31.06 -4.03
C GLY C 65 -25.64 -30.29 -2.81
N ASP C 66 -24.59 -30.78 -2.17
CA ASP C 66 -23.70 -30.03 -1.26
C ASP C 66 -23.63 -28.52 -1.42
N LEU C 67 -23.31 -28.10 -2.66
CA LEU C 67 -22.80 -26.75 -2.99
C LEU C 67 -21.39 -26.52 -2.42
N SER C 68 -20.69 -27.63 -2.20
CA SER C 68 -19.66 -27.72 -1.17
C SER C 68 -18.70 -28.90 -1.45
N PHE C 69 -18.29 -29.58 -0.38
CA PHE C 69 -17.40 -30.75 -0.42
C PHE C 69 -17.57 -31.76 -1.57
N ASN C 70 -18.72 -32.40 -1.66
CA ASN C 70 -18.97 -33.42 -2.68
C ASN C 70 -19.13 -32.85 -4.07
N ASP C 71 -19.85 -31.72 -4.21
CA ASP C 71 -19.96 -31.11 -5.54
C ASP C 71 -18.59 -30.72 -6.07
N ALA C 73 -15.81 -32.51 -5.30
CA ALA C 73 -15.30 -33.81 -5.71
C ALA C 73 -15.83 -34.25 -7.08
N ALA C 74 -17.14 -34.12 -7.27
CA ALA C 74 -17.74 -34.43 -8.56
C ALA C 74 -17.14 -33.59 -9.68
N LEU C 75 -16.85 -32.33 -9.39
CA LEU C 75 -16.30 -31.44 -10.39
C LEU C 75 -14.98 -31.99 -10.93
N GLY C 76 -14.11 -32.46 -10.03
CA GLY C 76 -12.84 -33.06 -10.42
C GLY C 76 -13.03 -34.32 -11.23
N ALA C 77 -14.00 -35.12 -10.84
CA ALA C 77 -14.38 -36.29 -11.58
C ALA C 77 -15.00 -35.93 -12.92
N ASP C 78 -15.84 -34.89 -12.96
CA ASP C 78 -16.50 -34.47 -14.20
C ASP C 78 -15.46 -33.95 -15.21
N ARG C 79 -14.48 -33.22 -14.71
CA ARG C 79 -13.37 -32.72 -15.54
C ARG C 79 -12.54 -33.87 -16.13
N ALA C 80 -12.33 -34.92 -15.35
CA ALA C 80 -11.58 -36.09 -15.82
C ALA C 80 -12.34 -36.90 -16.87
N ALA C 81 -13.65 -37.05 -16.68
CA ALA C 81 -14.52 -37.68 -17.68
C ALA C 81 -14.34 -37.03 -19.05
N GLU C 82 -14.41 -35.71 -19.10
CA GLU C 82 -14.37 -34.99 -20.36
C GLU C 82 -12.95 -34.87 -20.91
N GLU C 83 -12.00 -34.41 -20.11
CA GLU C 83 -10.63 -34.18 -20.61
C GLU C 83 -9.88 -35.49 -20.88
N LEU C 84 -9.91 -36.43 -19.96
CA LEU C 84 -9.13 -37.68 -20.09
C LEU C 84 -9.92 -38.86 -20.66
N GLY C 85 -11.23 -38.73 -20.80
CA GLY C 85 -12.05 -39.74 -21.46
C GLY C 85 -12.52 -40.92 -20.63
N VAL C 86 -12.43 -40.82 -19.31
CA VAL C 86 -12.75 -41.93 -18.41
C VAL C 86 -14.26 -42.03 -18.14
N ASP C 87 -14.73 -43.21 -17.71
CA ASP C 87 -16.11 -43.42 -17.26
C ASP C 87 -16.16 -43.25 -15.76
N VAL C 88 -17.02 -42.36 -15.30
CA VAL C 88 -17.25 -42.18 -13.87
C VAL C 88 -18.63 -42.70 -13.49
N VAL C 89 -18.69 -43.44 -12.38
CA VAL C 89 -19.94 -43.81 -11.73
C VAL C 89 -19.90 -43.20 -10.33
N PHE C 90 -20.98 -42.54 -9.93
CA PHE C 90 -21.09 -42.01 -8.56
C PHE C 90 -21.93 -42.98 -7.76
N GLN C 91 -21.79 -42.94 -6.45
CA GLN C 91 -22.56 -43.83 -5.59
C GLN C 91 -22.60 -43.31 -4.16
N THR C 92 -23.78 -43.37 -3.55
CA THR C 92 -24.01 -42.82 -2.22
C THR C 92 -24.67 -43.87 -1.33
N PRO C 93 -23.92 -44.41 -0.35
CA PRO C 93 -24.48 -45.38 0.56
C PRO C 93 -25.63 -44.77 1.34
N GLN C 94 -26.63 -45.59 1.64
CA GLN C 94 -27.83 -45.11 2.33
C GLN C 94 -27.70 -45.18 3.84
N SER C 95 -26.69 -45.89 4.33
CA SER C 95 -26.41 -45.98 5.78
C SER C 95 -24.91 -45.99 6.02
N LEU C 96 -24.51 -45.76 7.28
CA LEU C 96 -23.12 -45.94 7.73
C LEU C 96 -22.81 -47.42 7.89
N ALA C 97 -23.75 -48.17 8.46
CA ALA C 97 -23.59 -49.63 8.63
C ALA C 97 -23.07 -50.35 7.40
N VAL C 98 -23.53 -49.93 6.23
CA VAL C 98 -23.34 -50.67 5.00
C VAL C 98 -22.07 -50.26 4.19
N GLU C 100 -18.84 -50.63 4.51
CA GLU C 100 -17.79 -51.64 4.32
C GLU C 100 -18.17 -52.70 3.28
N SER C 101 -19.41 -53.17 3.37
CA SER C 101 -19.92 -54.17 2.44
C SER C 101 -19.96 -53.68 1.00
N VAL C 102 -20.33 -52.42 0.86
CA VAL C 102 -20.42 -51.74 -0.43
C VAL C 102 -19.03 -51.51 -1.04
N LEU C 103 -18.08 -51.15 -0.18
CA LEU C 103 -16.70 -50.94 -0.60
C LEU C 103 -16.06 -52.27 -0.99
N ASP C 104 -16.40 -53.32 -0.25
CA ASP C 104 -15.89 -54.66 -0.49
C ASP C 104 -16.40 -55.24 -1.82
N ALA C 105 -17.70 -55.04 -2.09
CA ALA C 105 -18.34 -55.53 -3.31
C ALA C 105 -17.86 -54.83 -4.56
N ALA C 106 -17.57 -53.53 -4.47
CA ALA C 106 -17.06 -52.79 -5.61
C ALA C 106 -15.62 -53.20 -5.96
N SER C 107 -14.84 -53.53 -4.93
CA SER C 107 -13.48 -54.00 -5.13
C SER C 107 -13.52 -55.40 -5.74
N ARG C 108 -14.34 -56.25 -5.12
CA ARG C 108 -14.69 -57.57 -5.63
C ARG C 108 -15.12 -57.59 -7.11
N SER C 109 -15.75 -56.52 -7.61
CA SER C 109 -16.35 -56.52 -8.94
C SER C 109 -15.34 -56.45 -10.10
N GLY C 110 -14.12 -56.03 -9.81
CA GLY C 110 -13.12 -55.84 -10.84
C GLY C 110 -13.44 -54.83 -11.94
N GLU C 111 -14.47 -54.00 -11.74
CA GLU C 111 -14.97 -53.08 -12.79
C GLU C 111 -14.27 -51.73 -12.79
N TYR C 112 -13.61 -51.39 -11.67
CA TYR C 112 -13.05 -50.06 -11.49
C TYR C 112 -11.54 -50.07 -11.35
N ASP C 113 -10.89 -49.33 -12.23
CA ASP C 113 -9.46 -49.15 -12.19
C ASP C 113 -9.06 -48.38 -10.94
N LEU C 114 -9.91 -47.44 -10.54
CA LEU C 114 -9.71 -46.65 -9.32
C LEU C 114 -11.05 -46.53 -8.57
N ILE C 115 -10.99 -46.64 -7.25
CA ILE C 115 -12.12 -46.33 -6.41
C ILE C 115 -11.74 -45.09 -5.63
N VAL C 116 -12.53 -44.03 -5.79
CA VAL C 116 -12.29 -42.76 -5.12
C VAL C 116 -13.23 -42.64 -3.94
N LEU C 117 -12.66 -42.41 -2.77
CA LEU C 117 -13.43 -42.41 -1.53
C LEU C 117 -13.46 -41.02 -0.92
N VAL C 118 -14.65 -40.41 -0.96
CA VAL C 118 -14.81 -38.99 -0.63
C VAL C 118 -15.31 -38.80 0.80
N GLY C 119 -14.36 -38.68 1.72
CA GLY C 119 -14.69 -38.30 3.09
C GLY C 119 -13.97 -39.15 4.11
N PHE C 120 -13.67 -38.53 5.24
CA PHE C 120 -13.02 -39.17 6.35
C PHE C 120 -13.68 -40.49 6.78
N LEU C 121 -15.02 -40.58 6.78
CA LEU C 121 -15.68 -41.76 7.33
C LEU C 121 -15.35 -43.08 6.61
N TRP C 122 -14.76 -42.97 5.42
CA TRP C 122 -14.26 -44.12 4.67
C TRP C 122 -12.95 -44.72 5.21
N GLN C 123 -12.30 -44.03 6.13
CA GLN C 123 -10.98 -44.43 6.60
C GLN C 123 -11.00 -45.74 7.35
N GLU C 124 -11.97 -45.90 8.24
CA GLU C 124 -12.15 -47.14 8.98
C GLU C 124 -12.41 -48.32 8.05
N PRO C 125 -13.49 -48.26 7.21
CA PRO C 125 -13.75 -49.38 6.33
C PRO C 125 -12.63 -49.70 5.35
N LEU C 126 -11.91 -48.70 4.89
CA LEU C 126 -10.82 -48.90 3.94
C LEU C 126 -9.62 -49.61 4.55
N GLU C 127 -9.26 -49.23 5.78
CA GLU C 127 -8.17 -49.87 6.54
C GLU C 127 -8.34 -51.40 6.55
N LYS C 128 -9.60 -51.84 6.59
CA LYS C 128 -9.97 -53.25 6.56
C LYS C 128 -9.99 -53.85 5.16
N VAL C 129 -10.54 -53.11 4.19
CA VAL C 129 -10.80 -53.63 2.85
C VAL C 129 -9.57 -53.65 1.93
N ALA C 130 -8.79 -52.57 1.98
CA ALA C 130 -7.63 -52.39 1.12
C ALA C 130 -6.66 -53.57 1.11
N PRO C 131 -6.32 -54.13 2.29
CA PRO C 131 -5.37 -55.26 2.24
C PRO C 131 -5.95 -56.55 1.60
N ARG C 132 -7.26 -56.80 1.74
CA ARG C 132 -7.92 -57.90 0.99
C ARG C 132 -7.88 -57.81 -0.54
N TYR C 133 -7.74 -56.62 -1.14
CA TYR C 133 -7.71 -56.50 -2.61
C TYR C 133 -6.50 -55.70 -3.05
N PRO C 134 -5.29 -56.28 -2.91
CA PRO C 134 -4.09 -55.45 -3.02
C PRO C 134 -3.84 -54.88 -4.43
N GLU C 135 -4.52 -55.45 -5.43
CA GLU C 135 -4.39 -54.99 -6.81
C GLU C 135 -5.49 -53.99 -7.22
N GLN C 136 -6.42 -53.73 -6.31
CA GLN C 136 -7.41 -52.67 -6.47
C GLN C 136 -6.79 -51.39 -5.97
N LYS C 137 -6.76 -50.35 -6.82
CA LYS C 137 -6.28 -49.02 -6.42
C LYS C 137 -7.39 -48.17 -5.84
N TYR C 138 -7.05 -47.42 -4.79
CA TYR C 138 -7.97 -46.55 -4.06
C TYR C 138 -7.40 -45.16 -3.90
N ALA C 139 -8.24 -44.13 -4.00
CA ALA C 139 -7.87 -42.79 -3.53
C ALA C 139 -8.81 -42.38 -2.40
N LEU C 140 -8.22 -42.08 -1.24
CA LEU C 140 -8.98 -41.60 -0.09
C LEU C 140 -8.85 -40.10 -0.07
N ILE C 141 -9.98 -39.39 -0.07
CA ILE C 141 -9.95 -37.92 -0.08
C ILE C 141 -10.35 -37.38 1.29
N ASP C 142 -9.58 -36.39 1.77
CA ASP C 142 -9.80 -35.70 3.05
C ASP C 142 -9.44 -36.57 4.25
N ALA C 143 -8.67 -37.64 4.01
CA ALA C 143 -8.25 -38.54 5.08
C ALA C 143 -7.06 -39.36 4.65
N ALA C 144 -6.36 -39.88 5.64
CA ALA C 144 -5.25 -40.79 5.42
C ALA C 144 -5.35 -41.98 6.36
N THR C 145 -4.94 -43.10 5.81
CA THR C 145 -5.12 -44.38 6.45
C THR C 145 -4.06 -44.53 7.57
N ARG C 146 -4.35 -45.32 8.60
CA ARG C 146 -3.42 -45.43 9.74
C ARG C 146 -2.11 -46.10 9.35
N GLU C 147 -2.20 -47.18 8.57
CA GLU C 147 -1.06 -47.94 8.07
C GLU C 147 -0.71 -47.34 6.71
N ARG C 148 0.26 -47.92 5.99
CA ARG C 148 0.55 -47.45 4.63
C ARG C 148 0.56 -48.62 3.65
N TYR C 149 -0.30 -48.55 2.63
CA TYR C 149 -0.46 -49.62 1.63
C TYR C 149 -0.02 -49.12 0.28
N ASP C 150 0.46 -50.01 -0.57
CA ASP C 150 0.83 -49.60 -1.94
C ASP C 150 -0.38 -49.23 -2.77
N ASN C 151 -1.52 -49.83 -2.47
CA ASN C 151 -2.71 -49.62 -3.28
C ASN C 151 -3.61 -48.49 -2.74
N VAL C 152 -3.08 -47.63 -1.87
CA VAL C 152 -3.87 -46.52 -1.35
C VAL C 152 -3.11 -45.21 -1.39
N ALA C 153 -3.62 -44.27 -2.18
CA ALA C 153 -3.17 -42.88 -2.21
C ALA C 153 -4.10 -42.03 -1.36
N SER C 154 -3.59 -41.50 -0.25
CA SER C 154 -4.34 -40.61 0.63
C SER C 154 -4.10 -39.13 0.27
N TYR C 155 -5.16 -38.34 0.26
CA TYR C 155 -5.07 -36.89 0.07
C TYR C 155 -5.62 -36.17 1.30
N LEU C 156 -4.70 -35.60 2.09
CA LEU C 156 -5.04 -34.89 3.31
C LEU C 156 -4.83 -33.42 3.07
N PHE C 157 -5.63 -32.59 3.73
CA PHE C 157 -5.42 -31.15 3.70
C PHE C 157 -4.97 -30.66 5.06
N ARG C 158 -4.33 -29.50 5.06
CA ARG C 158 -3.91 -28.86 6.30
C ARG C 158 -4.88 -27.70 6.55
N GLU C 159 -6.07 -28.04 7.06
CA GLU C 159 -7.19 -27.11 7.19
C GLU C 159 -6.91 -25.97 8.16
N GLN C 160 -6.02 -26.20 9.12
CA GLN C 160 -5.60 -25.14 10.02
C GLN C 160 -5.15 -23.91 9.22
N GLU C 161 -4.47 -24.17 8.11
CA GLU C 161 -3.83 -23.11 7.36
C GLU C 161 -4.89 -22.14 6.85
N VAL C 162 -5.86 -22.65 6.09
CA VAL C 162 -6.92 -21.78 5.53
C VAL C 162 -7.93 -21.23 6.57
N ALA C 163 -8.32 -22.05 7.55
CA ALA C 163 -9.25 -21.61 8.58
C ALA C 163 -8.69 -20.47 9.43
N SER C 164 -7.40 -20.53 9.71
CA SER C 164 -6.74 -19.44 10.43
C SER C 164 -6.86 -18.13 9.68
N LEU C 165 -6.73 -18.16 8.36
CA LEU C 165 -6.88 -16.94 7.58
C LEU C 165 -8.30 -16.43 7.70
N VAL C 166 -9.25 -17.36 7.67
CA VAL C 166 -10.67 -17.06 7.82
C VAL C 166 -10.94 -16.50 9.22
N GLY C 167 -10.30 -17.07 10.24
CA GLY C 167 -10.46 -16.62 11.61
C GLY C 167 -10.11 -15.16 11.76
N ILE C 168 -8.99 -14.77 11.18
CA ILE C 168 -8.53 -13.37 11.17
C ILE C 168 -9.59 -12.50 10.54
N ILE C 169 -10.11 -12.91 9.39
CA ILE C 169 -11.11 -12.14 8.66
C ILE C 169 -12.40 -11.93 9.47
N ALA C 170 -12.87 -12.99 10.09
CA ALA C 170 -14.14 -12.96 10.78
C ALA C 170 -14.00 -12.14 12.05
N ALA C 171 -12.86 -12.25 12.71
CA ALA C 171 -12.60 -11.40 13.87
C ALA C 171 -12.64 -9.94 13.45
N ASP C 172 -12.16 -9.67 12.24
CA ASP C 172 -12.07 -8.30 11.76
C ASP C 172 -13.42 -7.76 11.37
N ILE C 173 -14.22 -8.59 10.72
CA ILE C 173 -15.56 -8.19 10.32
C ILE C 173 -16.42 -7.96 11.54
N ALA C 174 -16.23 -8.78 12.56
CA ALA C 174 -16.99 -8.66 13.79
C ALA C 174 -16.59 -7.40 14.56
N ASN C 175 -15.29 -7.14 14.59
CA ASN C 175 -14.77 -5.88 15.11
C ASN C 175 -15.39 -4.65 14.43
N ASN C 176 -15.43 -4.66 13.10
CA ASN C 176 -16.02 -3.55 12.36
C ASN C 176 -17.52 -3.42 12.60
N ILE C 177 -18.20 -4.55 12.74
CA ILE C 177 -19.64 -4.51 13.03
C ILE C 177 -19.85 -3.86 14.39
N SER C 178 -19.01 -4.19 15.34
CA SER C 178 -19.16 -3.68 16.68
C SER C 178 -18.83 -2.18 16.70
N LYS C 179 -17.74 -1.82 16.02
CA LYS C 179 -17.33 -0.42 15.93
C LYS C 179 -18.32 0.49 15.20
N ALA C 180 -19.08 -0.06 14.26
CA ALA C 180 -20.02 0.76 13.49
C ALA C 180 -21.41 0.81 14.10
N THR C 181 -21.69 -0.13 14.98
CA THR C 181 -23.02 -0.31 15.53
C THR C 181 -23.08 -0.10 17.03
N GLY C 182 -21.97 -0.35 17.72
CA GLY C 182 -21.93 -0.25 19.18
C GLY C 182 -22.59 -1.41 19.90
N GLU C 183 -23.04 -2.40 19.15
CA GLU C 183 -23.60 -3.60 19.72
C GLU C 183 -22.64 -4.74 19.45
N GLU C 184 -22.61 -5.68 20.36
CA GLU C 184 -21.57 -6.69 20.38
C GLU C 184 -21.80 -7.81 19.35
N ALA C 185 -20.72 -8.21 18.68
CA ALA C 185 -20.76 -9.11 17.53
C ALA C 185 -19.68 -10.14 17.68
N LYS C 186 -20.07 -11.41 17.76
CA LYS C 186 -19.10 -12.50 17.83
C LYS C 186 -18.89 -13.20 16.49
N ALA C 187 -17.74 -13.89 16.38
CA ALA C 187 -17.48 -14.78 15.27
C ALA C 187 -18.09 -16.13 15.62
N GLY C 188 -18.27 -16.98 14.62
CA GLY C 188 -18.96 -18.23 14.85
C GLY C 188 -18.70 -19.24 13.78
N ALA C 189 -19.14 -20.46 14.02
CA ALA C 189 -19.08 -21.52 13.02
C ALA C 189 -20.11 -22.55 13.32
N VAL C 190 -20.83 -22.98 12.29
CA VAL C 190 -21.76 -24.10 12.39
C VAL C 190 -21.06 -25.26 11.72
N ALA C 191 -20.77 -26.28 12.51
CA ALA C 191 -19.96 -27.40 12.04
C ALA C 191 -20.79 -28.64 11.91
N GLY C 192 -20.28 -29.60 11.13
CA GLY C 192 -20.94 -30.88 10.95
C GLY C 192 -20.53 -31.84 12.05
N ASP C 194 -18.13 -34.25 14.52
CA ASP C 194 -16.92 -34.11 15.30
C ASP C 194 -15.85 -35.13 14.85
N ILE C 195 -15.07 -34.74 13.86
CA ILE C 195 -14.08 -35.62 13.26
C ILE C 195 -12.81 -34.84 12.94
N PRO C 196 -11.68 -35.57 12.68
CA PRO C 196 -10.36 -34.96 12.52
C PRO C 196 -10.23 -33.76 11.60
N PRO C 197 -10.82 -33.80 10.39
CA PRO C 197 -10.66 -32.62 9.53
C PRO C 197 -11.26 -31.38 10.17
N LEU C 198 -12.42 -31.54 10.79
CA LEU C 198 -13.04 -30.42 11.49
C LEU C 198 -12.28 -29.99 12.75
N TRP C 199 -11.53 -30.91 13.35
CA TRP C 199 -10.63 -30.52 14.42
C TRP C 199 -9.66 -29.48 13.86
N ARG C 200 -9.11 -29.76 12.68
CA ARG C 200 -8.16 -28.85 12.06
C ARG C 200 -8.78 -27.50 11.70
N PHE C 201 -10.01 -27.52 11.21
CA PHE C 201 -10.75 -26.27 10.95
C PHE C 201 -10.88 -25.51 12.25
N HIS C 202 -11.42 -26.16 13.27
CA HIS C 202 -11.68 -25.52 14.55
C HIS C 202 -10.41 -24.87 15.06
N ILE C 203 -9.36 -25.67 15.24
CA ILE C 203 -8.09 -25.15 15.71
C ILE C 203 -7.60 -23.96 14.90
N GLY C 204 -7.69 -24.04 13.58
CA GLY C 204 -7.19 -22.96 12.74
C GLY C 204 -8.04 -21.70 12.84
N TYR C 205 -9.34 -21.88 13.01
CA TYR C 205 -10.27 -20.79 13.04
C TYR C 205 -10.09 -20.00 14.32
N LEU C 206 -10.02 -20.70 15.45
CA LEU C 206 -9.77 -20.09 16.75
C LEU C 206 -8.40 -19.44 16.80
N TYR C 207 -7.41 -20.15 16.28
CA TYR C 207 -6.08 -19.59 16.18
C TYR C 207 -6.15 -18.24 15.51
N GLY C 208 -6.78 -18.21 14.35
CA GLY C 208 -6.87 -16.99 13.54
C GLY C 208 -7.57 -15.84 14.24
N VAL C 209 -8.57 -16.15 15.05
CA VAL C 209 -9.31 -15.12 15.80
C VAL C 209 -8.45 -14.57 16.92
N GLN C 210 -7.77 -15.45 17.66
CA GLN C 210 -6.92 -15.03 18.76
C GLN C 210 -5.72 -14.26 18.23
N TYR C 211 -5.24 -14.65 17.07
CA TYR C 211 -4.12 -13.97 16.42
C TYR C 211 -4.53 -12.53 16.19
N TYR C 212 -5.67 -12.35 15.55
CA TYR C 212 -6.24 -11.03 15.31
C TYR C 212 -6.37 -10.25 16.60
N ASN C 213 -7.07 -10.82 17.58
CA ASN C 213 -7.20 -10.22 18.91
C ASN C 213 -5.91 -9.75 19.55
N GLN C 214 -4.90 -10.61 19.58
CA GLN C 214 -3.59 -10.26 20.14
C GLN C 214 -2.86 -9.21 19.33
N ALA C 215 -2.85 -9.33 18.02
CA ALA C 215 -2.20 -8.32 17.17
C ALA C 215 -2.94 -6.99 17.12
N GLY C 217 -5.41 -5.92 20.10
CA GLY C 217 -5.99 -5.49 21.37
C GLY C 217 -7.50 -5.52 21.39
N THR C 218 -8.09 -6.50 20.72
CA THR C 218 -9.53 -6.69 20.68
C THR C 218 -9.83 -7.97 21.40
N ASP C 219 -11.07 -8.15 21.85
CA ASP C 219 -11.44 -9.39 22.52
C ASP C 219 -12.67 -10.00 21.86
N VAL C 220 -12.55 -10.30 20.56
CA VAL C 220 -13.65 -10.88 19.79
C VAL C 220 -13.81 -12.32 20.21
N GLU C 221 -15.01 -12.70 20.63
CA GLU C 221 -15.29 -14.06 21.04
C GLU C 221 -15.71 -14.95 19.86
N VAL C 223 -17.69 -18.73 18.82
CA VAL C 223 -18.58 -19.81 19.23
C VAL C 223 -18.62 -20.84 18.13
N TRP C 224 -18.22 -22.06 18.48
CA TRP C 224 -18.14 -23.16 17.55
C TRP C 224 -19.14 -24.21 17.97
N THR C 225 -20.05 -24.57 17.06
CA THR C 225 -21.06 -25.58 17.32
C THR C 225 -21.01 -26.75 16.32
N TYR C 226 -20.70 -27.94 16.85
CA TYR C 226 -20.96 -29.17 16.13
C TYR C 226 -22.45 -29.45 16.11
N THR C 227 -23.02 -29.62 14.91
CA THR C 227 -24.39 -30.07 14.73
C THR C 227 -24.45 -31.58 14.71
N GLY C 228 -23.37 -32.21 14.26
CA GLY C 228 -23.26 -33.66 14.28
C GLY C 228 -23.63 -34.30 12.94
N ARG C 229 -24.11 -33.50 12.00
CA ARG C 229 -24.53 -34.03 10.73
C ARG C 229 -23.93 -33.15 9.63
N PHE C 230 -23.72 -33.74 8.45
CA PHE C 230 -23.27 -32.99 7.27
C PHE C 230 -24.37 -32.80 6.23
N ASP C 231 -25.53 -33.38 6.48
CA ASP C 231 -26.62 -33.42 5.50
C ASP C 231 -27.96 -32.93 6.07
N ASP C 232 -27.96 -32.03 7.06
CA ASP C 232 -29.21 -31.57 7.66
C ASP C 232 -29.31 -30.02 7.64
N PRO C 233 -29.69 -29.44 6.49
CA PRO C 233 -29.90 -27.99 6.39
C PRO C 233 -30.84 -27.36 7.44
N THR C 234 -31.88 -28.06 7.83
CA THR C 234 -32.84 -27.53 8.79
C THR C 234 -32.19 -27.36 10.15
N LEU C 235 -31.41 -28.36 10.56
CA LEU C 235 -30.64 -28.31 11.79
C LEU C 235 -29.56 -27.22 11.70
N GLY C 236 -29.00 -27.03 10.51
CA GLY C 236 -28.06 -25.95 10.27
C GLY C 236 -28.68 -24.57 10.48
N LYS C 237 -29.94 -24.40 10.08
CA LYS C 237 -30.65 -23.14 10.25
C LYS C 237 -31.00 -22.87 11.71
N THR C 238 -31.56 -23.86 12.42
CA THR C 238 -31.92 -23.66 13.83
C THR C 238 -30.69 -23.38 14.68
N THR C 239 -29.61 -24.09 14.42
CA THR C 239 -28.37 -23.84 15.14
C THR C 239 -27.97 -22.37 14.99
N ALA C 240 -27.99 -21.87 13.76
CA ALA C 240 -27.62 -20.49 13.43
C ALA C 240 -28.53 -19.48 14.08
N GLU C 241 -29.84 -19.75 14.09
CA GLU C 241 -30.80 -18.82 14.71
C GLU C 241 -30.59 -18.65 16.21
N GLN C 242 -30.25 -19.74 16.88
CA GLN C 242 -29.86 -19.68 18.29
C GLN C 242 -28.66 -18.79 18.44
N LEU C 244 -27.46 -16.42 16.58
CA LEU C 244 -27.78 -15.02 16.37
C LEU C 244 -28.20 -14.35 17.65
N GLN C 245 -28.95 -15.07 18.47
CA GLN C 245 -29.46 -14.53 19.73
C GLN C 245 -28.48 -14.57 20.87
N GLN C 246 -27.35 -15.26 20.69
CA GLN C 246 -26.18 -15.18 21.57
C GLN C 246 -25.10 -14.19 21.03
N GLY C 247 -25.50 -13.31 20.10
CA GLY C 247 -24.63 -12.28 19.56
C GLY C 247 -23.66 -12.65 18.44
N VAL C 248 -23.75 -13.88 17.90
CA VAL C 248 -22.88 -14.24 16.78
C VAL C 248 -23.36 -13.49 15.55
N ARG C 249 -22.43 -12.83 14.87
N ARG C 249 -22.44 -12.82 14.88
CA ARG C 249 -22.76 -12.02 13.70
CA ARG C 249 -22.76 -12.03 13.69
C ARG C 249 -21.97 -12.41 12.44
C ARG C 249 -21.98 -12.42 12.44
N VAL C 250 -20.90 -13.18 12.60
CA VAL C 250 -20.13 -13.66 11.49
C VAL C 250 -20.08 -15.18 11.58
N PHE C 251 -20.45 -15.84 10.48
CA PHE C 251 -20.79 -17.25 10.50
C PHE C 251 -20.01 -18.07 9.48
N TYR C 252 -19.00 -18.81 9.95
CA TYR C 252 -18.19 -19.69 9.10
C TYR C 252 -18.87 -21.02 8.88
N GLY C 253 -19.08 -21.41 7.64
CA GLY C 253 -19.77 -22.65 7.31
C GLY C 253 -18.85 -23.83 7.17
N VAL C 254 -18.82 -24.70 8.16
CA VAL C 254 -17.92 -25.85 8.15
C VAL C 254 -18.70 -27.18 8.28
N ALA C 255 -19.79 -27.30 7.55
CA ALA C 255 -20.74 -28.40 7.75
C ALA C 255 -21.36 -28.97 6.46
N GLY C 256 -20.65 -28.90 5.34
CA GLY C 256 -21.24 -29.32 4.05
C GLY C 256 -22.63 -28.75 3.80
N LEU C 257 -23.55 -29.62 3.41
CA LEU C 257 -24.90 -29.21 3.11
C LEU C 257 -25.56 -28.54 4.30
N THR C 258 -25.22 -29.01 5.50
CA THR C 258 -25.85 -28.50 6.71
C THR C 258 -25.79 -26.99 6.78
N HIS C 259 -24.67 -26.40 6.42
CA HIS C 259 -24.56 -24.94 6.57
C HIS C 259 -25.18 -24.15 5.43
N VAL C 260 -25.90 -24.80 4.52
CA VAL C 260 -26.75 -24.04 3.62
C VAL C 260 -27.90 -23.46 4.44
N GLY C 261 -28.36 -24.21 5.44
CA GLY C 261 -29.33 -23.68 6.40
C GLY C 261 -28.75 -22.49 7.12
N PHE C 263 -26.66 -20.35 5.96
CA PHE C 263 -26.76 -19.26 5.00
C PHE C 263 -28.14 -18.66 5.02
N ASN C 264 -29.14 -19.53 5.05
CA ASN C 264 -30.51 -19.06 5.03
C ASN C 264 -30.90 -18.34 6.32
N ALA C 265 -30.31 -18.72 7.44
CA ALA C 265 -30.58 -18.06 8.70
C ALA C 265 -30.03 -16.62 8.73
N VAL C 266 -28.86 -16.44 8.13
CA VAL C 266 -28.19 -15.13 8.05
C VAL C 266 -28.93 -14.23 7.06
N LYS C 267 -29.54 -14.81 6.02
CA LYS C 267 -30.38 -14.02 5.09
C LYS C 267 -31.59 -13.39 5.79
N GLU C 268 -32.25 -14.18 6.63
CA GLU C 268 -33.52 -13.77 7.21
C GLU C 268 -33.19 -12.77 8.31
N ALA C 269 -32.03 -12.91 8.95
CA ALA C 269 -31.46 -11.83 9.80
C ALA C 269 -31.19 -10.51 9.03
N ALA C 270 -30.52 -10.58 7.89
CA ALA C 270 -30.26 -9.37 7.10
C ALA C 270 -31.59 -8.72 6.66
N ALA C 271 -32.57 -9.56 6.33
CA ALA C 271 -33.94 -9.12 6.03
C ALA C 271 -34.63 -8.42 7.22
N ARG C 272 -34.33 -8.85 8.44
CA ARG C 272 -34.81 -8.20 9.67
C ARG C 272 -34.02 -6.92 10.02
N GLY C 273 -32.99 -6.57 9.24
CA GLY C 273 -32.19 -5.36 9.46
C GLY C 273 -30.88 -5.59 10.18
N VAL C 274 -30.67 -6.82 10.62
CA VAL C 274 -29.50 -7.17 11.41
C VAL C 274 -28.28 -7.26 10.51
N ILE C 275 -27.17 -6.69 10.94
CA ILE C 275 -25.93 -6.74 10.17
C ILE C 275 -25.14 -8.01 10.52
N ALA C 276 -25.16 -8.99 9.61
CA ALA C 276 -24.45 -10.27 9.78
C ALA C 276 -23.95 -10.82 8.46
N PHE C 277 -22.91 -11.64 8.51
CA PHE C 277 -22.29 -12.17 7.29
C PHE C 277 -21.95 -13.64 7.42
N SER C 278 -21.96 -14.34 6.29
CA SER C 278 -21.61 -15.74 6.25
C SER C 278 -20.28 -15.91 5.52
N ILE C 279 -19.62 -17.01 5.80
CA ILE C 279 -18.37 -17.38 5.14
C ILE C 279 -18.43 -18.82 4.57
N GLY C 280 -18.24 -18.94 3.26
CA GLY C 280 -18.36 -20.21 2.56
C GLY C 280 -17.17 -21.12 2.75
N GLN C 281 -17.35 -22.40 2.48
CA GLN C 281 -16.25 -23.35 2.57
C GLN C 281 -16.32 -24.39 1.45
N ASP C 282 -15.13 -24.77 0.97
CA ASP C 282 -14.88 -25.85 0.01
C ASP C 282 -14.90 -25.27 -1.37
N ALA C 283 -16.09 -24.91 -1.87
CA ALA C 283 -16.16 -24.10 -3.07
C ALA C 283 -16.34 -22.66 -2.65
N SER C 284 -16.23 -21.74 -3.61
CA SER C 284 -16.68 -20.36 -3.41
C SER C 284 -18.19 -20.41 -3.50
N GLN C 285 -18.85 -20.04 -2.40
CA GLN C 285 -20.30 -20.12 -2.33
C GLN C 285 -20.99 -18.75 -2.30
N GLU C 286 -20.25 -17.69 -2.66
CA GLU C 286 -20.76 -16.32 -2.57
C GLU C 286 -22.00 -16.16 -3.44
N TRP C 287 -21.98 -16.81 -4.59
CA TRP C 287 -23.09 -16.79 -5.53
C TRP C 287 -24.43 -17.16 -4.92
N TYR C 288 -24.43 -17.92 -3.84
CA TYR C 288 -25.69 -18.36 -3.24
C TYR C 288 -26.49 -17.14 -2.71
N ASP C 289 -25.79 -16.24 -2.01
CA ASP C 289 -26.31 -14.91 -1.68
C ASP C 289 -25.14 -13.99 -1.42
N PRO C 290 -24.83 -13.09 -2.36
CA PRO C 290 -23.58 -12.33 -2.24
C PRO C 290 -23.63 -11.14 -1.26
N GLN C 291 -24.83 -10.67 -0.95
CA GLN C 291 -24.98 -9.61 0.04
C GLN C 291 -24.46 -10.07 1.39
N THR C 292 -24.75 -11.31 1.75
CA THR C 292 -24.34 -11.86 3.05
C THR C 292 -23.12 -12.82 3.02
N ILE C 293 -22.88 -13.49 1.89
CA ILE C 293 -21.79 -14.45 1.80
C ILE C 293 -20.59 -13.73 1.26
N ILE C 294 -19.76 -13.23 2.17
CA ILE C 294 -18.75 -12.25 1.80
C ILE C 294 -17.44 -12.87 1.27
N ILE C 295 -17.15 -14.11 1.66
CA ILE C 295 -15.90 -14.76 1.27
C ILE C 295 -16.04 -16.27 1.49
N SER C 296 -15.14 -17.05 0.91
CA SER C 296 -15.17 -18.50 1.08
C SER C 296 -13.78 -19.07 1.27
N GLY C 297 -13.61 -19.94 2.26
CA GLY C 297 -12.42 -20.79 2.32
C GLY C 297 -12.50 -21.82 1.20
N LEU C 298 -11.41 -22.05 0.49
CA LEU C 298 -11.41 -23.00 -0.62
C LEU C 298 -10.67 -24.24 -0.23
N LYS C 299 -11.19 -25.38 -0.66
CA LYS C 299 -10.52 -26.66 -0.49
C LYS C 299 -10.62 -27.34 -1.84
N ARG C 300 -9.48 -27.56 -2.48
CA ARG C 300 -9.46 -28.06 -3.84
C ARG C 300 -9.56 -29.58 -3.93
N VAL C 301 -10.70 -30.08 -3.45
CA VAL C 301 -11.04 -31.50 -3.54
C VAL C 301 -11.10 -31.98 -5.00
N ASP C 302 -11.51 -31.07 -5.89
CA ASP C 302 -11.60 -31.35 -7.32
C ASP C 302 -10.24 -31.68 -7.90
N VAL C 303 -9.21 -31.00 -7.41
CA VAL C 303 -7.86 -31.24 -7.90
C VAL C 303 -7.36 -32.57 -7.36
N ALA C 304 -7.64 -32.87 -6.09
CA ALA C 304 -7.31 -34.20 -5.54
C ALA C 304 -7.87 -35.28 -6.46
N VAL C 305 -9.19 -35.29 -6.61
CA VAL C 305 -9.89 -36.32 -7.40
C VAL C 305 -9.35 -36.38 -8.82
N TYR C 306 -9.16 -35.21 -9.43
CA TYR C 306 -8.67 -35.13 -10.80
C TYR C 306 -7.21 -35.64 -10.94
N THR C 307 -6.36 -35.28 -9.98
CA THR C 307 -4.98 -35.74 -9.96
C THR C 307 -4.93 -37.25 -9.77
N ALA C 308 -5.66 -37.77 -8.79
CA ALA C 308 -5.69 -39.24 -8.57
C ALA C 308 -6.17 -40.04 -9.78
N ILE C 309 -7.10 -39.48 -10.55
CA ILE C 309 -7.62 -40.13 -11.74
C ILE C 309 -6.62 -40.03 -12.89
N LYS C 310 -5.98 -38.88 -13.02
CA LYS C 310 -4.97 -38.68 -14.07
C LYS C 310 -3.79 -39.62 -13.84
N ASP C 311 -3.23 -39.61 -12.64
CA ASP C 311 -2.17 -40.55 -12.26
C ASP C 311 -2.50 -41.97 -12.78
N VAL C 312 -3.71 -42.45 -12.52
CA VAL C 312 -4.06 -43.80 -12.98
C VAL C 312 -4.07 -43.88 -14.50
N VAL C 313 -4.62 -42.85 -15.15
CA VAL C 313 -4.74 -42.85 -16.62
C VAL C 313 -3.37 -42.94 -17.29
N GLU C 314 -2.35 -42.38 -16.63
CA GLU C 314 -0.99 -42.36 -17.16
C GLU C 314 -0.06 -43.36 -16.45
N GLY C 315 -0.63 -44.40 -15.84
CA GLY C 315 0.11 -45.42 -15.10
C GLY C 315 1.16 -44.95 -14.10
N ARG C 316 1.02 -43.74 -13.55
CA ARG C 316 1.93 -43.23 -12.53
C ARG C 316 1.23 -43.07 -11.16
N PHE C 317 0.32 -44.00 -10.86
CA PHE C 317 -0.27 -44.09 -9.53
C PHE C 317 0.75 -44.67 -8.59
N ARG C 318 0.73 -44.21 -7.33
CA ARG C 318 1.55 -44.82 -6.29
C ARG C 318 1.00 -44.50 -4.90
N GLY C 319 1.05 -45.49 -4.00
CA GLY C 319 0.51 -45.36 -2.65
C GLY C 319 1.14 -44.28 -1.80
N GLY C 320 0.44 -43.84 -0.76
CA GLY C 320 0.98 -42.91 0.22
C GLY C 320 0.26 -41.58 0.32
N ILE C 321 0.67 -40.78 1.30
CA ILE C 321 0.02 -39.52 1.68
C ILE C 321 0.46 -38.33 0.81
N VAL C 322 -0.51 -37.52 0.41
CA VAL C 322 -0.25 -36.27 -0.31
C VAL C 322 -0.94 -35.16 0.49
N SER C 323 -0.13 -34.30 1.13
CA SER C 323 -0.59 -33.25 2.03
C SER C 323 -0.67 -31.92 1.27
N LEU C 324 -1.80 -31.23 1.45
CA LEU C 324 -2.14 -30.06 0.64
C LEU C 324 -2.62 -28.87 1.49
N GLY C 325 -2.00 -27.72 1.22
CA GLY C 325 -2.22 -26.49 1.98
C GLY C 325 -1.99 -25.31 1.07
N LEU C 326 -1.77 -24.14 1.67
CA LEU C 326 -1.60 -22.88 0.93
C LEU C 326 -0.46 -23.00 -0.06
N LYS C 327 0.67 -23.56 0.37
CA LYS C 327 1.83 -23.65 -0.49
C LYS C 327 1.54 -24.26 -1.87
N GLU C 328 0.70 -25.31 -1.92
CA GLU C 328 0.48 -26.04 -3.18
C GLU C 328 -0.69 -25.54 -4.02
N GLY C 329 -1.46 -24.59 -3.49
CA GLY C 329 -2.72 -24.18 -4.11
C GLY C 329 -3.90 -25.01 -3.62
N GLY C 330 -3.65 -25.96 -2.72
CA GLY C 330 -4.69 -26.89 -2.27
C GLY C 330 -5.75 -26.23 -1.41
N LEU C 331 -5.35 -25.16 -0.73
CA LEU C 331 -6.26 -24.32 0.06
C LEU C 331 -6.07 -22.87 -0.35
N GLY C 332 -7.09 -22.05 -0.16
CA GLY C 332 -7.00 -20.65 -0.49
C GLY C 332 -8.24 -19.89 -0.06
N LEU C 333 -8.27 -18.60 -0.36
CA LEU C 333 -9.46 -17.79 -0.21
C LEU C 333 -10.02 -17.43 -1.57
N SER C 334 -11.30 -17.18 -1.56
CA SER C 334 -12.07 -16.81 -2.72
C SER C 334 -11.63 -15.45 -3.29
N ASP C 335 -11.14 -15.40 -4.53
CA ASP C 335 -10.85 -14.12 -5.24
C ASP C 335 -11.84 -13.84 -6.41
N GLU C 336 -11.62 -12.76 -7.17
CA GLU C 336 -12.53 -12.36 -8.28
C GLU C 336 -12.87 -13.49 -9.25
N GLU C 337 -11.84 -14.11 -9.80
CA GLU C 337 -12.04 -15.07 -10.88
C GLU C 337 -12.70 -16.36 -10.37
N ILE C 338 -12.30 -16.81 -9.19
CA ILE C 338 -12.84 -18.02 -8.57
C ILE C 338 -14.35 -17.80 -8.28
N ILE C 339 -14.68 -16.61 -7.79
CA ILE C 339 -16.07 -16.25 -7.51
C ILE C 339 -16.93 -16.29 -8.76
N ARG C 340 -16.40 -15.73 -9.85
CA ARG C 340 -17.14 -15.68 -11.10
C ARG C 340 -17.24 -17.08 -11.70
N TYR C 341 -16.20 -17.90 -11.56
CA TYR C 341 -16.21 -19.26 -12.12
C TYR C 341 -17.34 -20.14 -11.58
N PHE C 342 -17.52 -20.10 -10.27
CA PHE C 342 -18.57 -20.89 -9.62
C PHE C 342 -19.90 -20.26 -9.85
N ALA C 343 -19.92 -18.95 -9.98
CA ALA C 343 -21.15 -18.25 -10.35
C ALA C 343 -21.59 -18.63 -11.77
N GLU C 344 -20.64 -18.75 -12.70
CA GLU C 344 -20.89 -19.26 -14.06
C GLU C 344 -21.49 -20.67 -14.00
N ILE C 345 -20.88 -21.54 -13.21
CA ILE C 345 -21.43 -22.89 -13.01
C ILE C 345 -22.91 -22.86 -12.59
N ALA C 346 -23.22 -22.12 -11.53
CA ALA C 346 -24.59 -22.06 -11.00
C ALA C 346 -25.54 -21.33 -11.94
N ALA C 347 -25.01 -20.39 -12.71
CA ALA C 347 -25.80 -19.76 -13.76
C ALA C 347 -26.21 -20.83 -14.75
N GLU C 348 -25.24 -21.42 -15.44
CA GLU C 348 -25.55 -22.47 -16.42
C GLU C 348 -26.15 -23.77 -15.81
N THR C 349 -26.20 -23.87 -14.48
CA THR C 349 -26.98 -24.93 -13.80
C THR C 349 -28.42 -24.50 -13.49
N GLY C 350 -28.75 -23.24 -13.72
CA GLY C 350 -30.04 -22.71 -13.31
C GLY C 350 -30.32 -22.71 -11.81
N GLN C 351 -29.28 -22.85 -10.97
CA GLN C 351 -29.51 -22.70 -9.53
C GLN C 351 -28.89 -21.42 -8.92
N LEU C 352 -28.62 -20.43 -9.77
CA LEU C 352 -28.23 -19.11 -9.33
C LEU C 352 -29.50 -18.30 -9.10
N PRO C 353 -29.56 -17.50 -8.01
CA PRO C 353 -30.80 -16.78 -7.73
C PRO C 353 -31.24 -15.80 -8.82
N GLU C 354 -32.53 -15.48 -8.80
CA GLU C 354 -33.13 -14.60 -9.79
C GLU C 354 -32.44 -13.24 -9.83
N GLY C 355 -32.45 -12.63 -11.02
CA GLY C 355 -32.00 -11.24 -11.20
C GLY C 355 -30.57 -11.01 -10.80
N LEU C 356 -29.69 -11.91 -11.26
CA LEU C 356 -28.33 -11.99 -10.79
C LEU C 356 -27.51 -12.69 -11.86
N THR C 357 -26.39 -12.09 -12.28
CA THR C 357 -25.43 -12.74 -13.19
C THR C 357 -24.10 -13.01 -12.46
N PRO C 358 -23.22 -13.81 -13.08
CA PRO C 358 -21.86 -13.99 -12.56
C PRO C 358 -21.12 -12.67 -12.37
N GLU C 359 -21.24 -11.76 -13.34
CA GLU C 359 -20.59 -10.45 -13.22
C GLU C 359 -21.18 -9.62 -12.05
N LYS C 360 -22.51 -9.62 -11.91
CA LYS C 360 -23.14 -8.91 -10.81
C LYS C 360 -22.78 -9.51 -9.44
N VAL C 361 -22.60 -10.83 -9.36
CA VAL C 361 -22.18 -11.48 -8.11
C VAL C 361 -20.83 -10.96 -7.64
N VAL C 362 -19.87 -10.81 -8.54
CA VAL C 362 -18.55 -10.32 -8.16
C VAL C 362 -18.62 -8.86 -7.69
N GLU C 363 -19.32 -8.02 -8.45
CA GLU C 363 -19.43 -6.60 -8.07
C GLU C 363 -19.91 -6.43 -6.63
N ILE C 364 -20.92 -7.23 -6.27
CA ILE C 364 -21.52 -7.13 -4.94
C ILE C 364 -20.61 -7.62 -3.84
N VAL C 365 -19.86 -8.69 -4.06
CA VAL C 365 -18.99 -9.18 -2.99
C VAL C 365 -17.86 -8.19 -2.76
N SER C 367 -17.84 -5.13 -3.32
CA SER C 367 -18.42 -3.97 -2.70
C SER C 367 -18.40 -4.13 -1.20
N GLN C 368 -18.80 -5.31 -0.72
CA GLN C 368 -18.92 -5.59 0.74
C GLN C 368 -17.59 -5.82 1.46
N ARG C 369 -16.61 -6.34 0.73
CA ARG C 369 -15.26 -6.48 1.24
C ARG C 369 -14.57 -5.13 1.40
N GLU C 370 -14.85 -4.17 0.50
CA GLU C 370 -14.43 -2.78 0.69
C GLU C 370 -15.06 -2.19 1.96
N LYS C 371 -16.32 -2.51 2.21
CA LYS C 371 -17.07 -1.93 3.33
C LYS C 371 -16.79 -2.55 4.69
N TRP C 372 -16.50 -3.85 4.74
CA TRP C 372 -16.49 -4.57 6.02
C TRP C 372 -15.22 -5.35 6.37
N ILE C 373 -14.21 -5.27 5.51
CA ILE C 373 -12.93 -5.88 5.84
C ILE C 373 -11.87 -4.79 5.78
N SER C 374 -11.37 -4.38 6.94
CA SER C 374 -10.34 -3.33 7.03
C SER C 374 -9.02 -3.78 6.39
N ASN C 375 -8.15 -2.82 6.11
CA ASN C 375 -6.81 -3.10 5.57
C ASN C 375 -5.91 -3.83 6.55
N ASP C 376 -6.18 -3.64 7.84
CA ASP C 376 -5.49 -4.37 8.91
C ASP C 376 -5.83 -5.84 8.83
N GLY C 377 -7.10 -6.14 8.55
CA GLY C 377 -7.53 -7.52 8.27
C GLY C 377 -6.67 -8.18 7.20
N TRP C 378 -6.50 -7.48 6.08
CA TRP C 378 -5.71 -7.96 4.94
C TRP C 378 -4.22 -8.03 5.19
N ARG C 379 -3.73 -7.06 5.96
CA ARG C 379 -2.33 -6.96 6.34
C ARG C 379 -2.01 -8.18 7.19
N LEU C 380 -2.85 -8.45 8.19
CA LEU C 380 -2.72 -9.64 9.05
C LEU C 380 -2.91 -10.98 8.32
N VAL C 381 -3.87 -11.04 7.38
CA VAL C 381 -4.02 -12.21 6.49
C VAL C 381 -2.69 -12.50 5.83
N GLU C 382 -2.18 -11.50 5.12
CA GLU C 382 -0.92 -11.60 4.38
C GLU C 382 0.28 -11.97 5.29
N GLU C 383 0.31 -11.42 6.50
CA GLU C 383 1.40 -11.68 7.42
C GLU C 383 1.35 -13.09 7.97
N LEU C 384 0.18 -13.73 7.93
CA LEU C 384 0.08 -15.12 8.40
C LEU C 384 0.25 -16.09 7.24
N LYS C 385 -0.39 -15.79 6.12
CA LYS C 385 -0.23 -16.54 4.89
C LYS C 385 1.24 -16.73 4.58
N GLN C 386 2.04 -15.69 4.80
CA GLN C 386 3.46 -15.74 4.47
C GLN C 386 4.31 -16.42 5.51
N LYS C 387 3.95 -16.30 6.78
CA LYS C 387 4.65 -17.06 7.82
C LYS C 387 4.43 -18.55 7.61
N ILE C 388 3.29 -18.92 6.99
CA ILE C 388 2.93 -20.32 6.77
C ILE C 388 3.64 -20.93 5.58
N ILE C 389 3.52 -20.25 4.44
CA ILE C 389 4.21 -20.68 3.21
C ILE C 389 5.73 -20.79 3.38
N SER C 390 6.31 -19.86 4.13
CA SER C 390 7.76 -19.84 4.38
C SER C 390 8.22 -21.01 5.25
N GLY C 391 7.30 -21.65 5.96
CA GLY C 391 7.69 -22.76 6.83
C GLY C 391 7.95 -22.25 8.23
N GLU C 392 8.01 -20.92 8.38
CA GLU C 392 8.23 -20.32 9.69
C GLU C 392 7.13 -20.72 10.67
N ILE C 393 5.95 -21.09 10.15
CA ILE C 393 4.84 -21.61 10.96
C ILE C 393 4.31 -22.94 10.39
N LYS C 394 4.09 -23.90 11.28
CA LYS C 394 3.48 -25.17 10.93
C LYS C 394 2.63 -25.64 12.12
N PHE C 395 1.37 -25.97 11.84
CA PHE C 395 0.45 -26.42 12.87
C PHE C 395 0.70 -27.89 13.23
N VAL C 396 0.21 -28.30 14.39
CA VAL C 396 0.28 -29.70 14.82
C VAL C 396 -1.01 -30.41 14.42
N THR C 397 -0.90 -31.66 13.94
CA THR C 397 -2.07 -32.48 13.63
C THR C 397 -2.44 -33.23 14.89
N PRO C 398 -3.52 -32.84 15.58
CA PRO C 398 -3.90 -33.57 16.81
C PRO C 398 -4.03 -35.10 16.64
N GLN C 399 -3.43 -35.84 17.57
CA GLN C 399 -3.35 -37.31 17.50
C GLN C 399 -4.69 -37.91 17.92
N ASP C 400 -5.14 -37.53 19.11
CA ASP C 400 -6.37 -38.01 19.73
C ASP C 400 -7.39 -36.89 19.71
N HIS C 401 -8.59 -37.22 20.15
CA HIS C 401 -9.58 -36.21 20.50
C HIS C 401 -9.15 -35.41 21.74
N ASP C 402 -8.46 -36.07 22.66
CA ASP C 402 -8.03 -35.45 23.93
C ASP C 402 -6.98 -34.37 23.72
N THR C 403 -6.07 -34.61 22.78
CA THR C 403 -5.08 -33.62 22.35
C THR C 403 -5.75 -32.39 21.71
N TYR C 404 -6.67 -32.64 20.77
CA TYR C 404 -7.47 -31.59 20.15
C TYR C 404 -8.18 -30.75 21.18
N ASP C 405 -8.83 -31.42 22.14
CA ASP C 405 -9.57 -30.73 23.18
C ASP C 405 -8.71 -29.77 24.02
N SER C 406 -7.46 -30.14 24.26
CA SER C 406 -6.60 -29.30 25.10
C SER C 406 -5.88 -28.22 24.29
N ILE C 407 -5.66 -28.43 22.99
CA ILE C 407 -5.23 -27.31 22.15
C ILE C 407 -6.25 -26.15 22.18
N ILE C 408 -7.53 -26.47 22.20
CA ILE C 408 -8.57 -25.46 22.30
C ILE C 408 -8.56 -24.73 23.66
N GLU C 409 -8.44 -25.47 24.77
CA GLU C 409 -8.27 -24.85 26.12
C GLU C 409 -7.17 -23.78 26.08
N GLU C 410 -6.07 -24.13 25.43
CA GLU C 410 -4.88 -23.30 25.35
C GLU C 410 -5.07 -22.09 24.46
N LEU C 411 -5.67 -22.30 23.29
CA LEU C 411 -6.03 -21.18 22.39
C LEU C 411 -7.08 -20.25 23.01
N LYS C 412 -8.08 -20.82 23.66
CA LYS C 412 -9.05 -20.03 24.43
C LYS C 412 -8.34 -19.17 25.48
N ALA C 413 -7.22 -19.67 26.01
CA ALA C 413 -6.41 -18.97 26.99
C ALA C 413 -5.42 -17.98 26.37
N GLY C 414 -5.38 -17.84 25.06
CA GLY C 414 -4.43 -16.92 24.43
C GLY C 414 -3.02 -17.45 24.27
N ASN C 415 -2.85 -18.74 24.57
CA ASN C 415 -1.58 -19.41 24.36
C ASN C 415 -1.53 -20.02 22.92
N LEU C 416 -1.26 -19.18 21.92
CA LEU C 416 -1.29 -19.59 20.52
C LEU C 416 -0.25 -20.63 20.15
N GLU C 417 0.90 -20.64 20.83
CA GLU C 417 2.00 -21.52 20.44
C GLU C 417 1.68 -23.01 20.63
N ALA C 418 0.62 -23.31 21.39
CA ALA C 418 0.13 -24.68 21.59
C ALA C 418 -0.27 -25.38 20.30
N ALA C 419 -0.77 -24.61 19.34
CA ALA C 419 -1.22 -25.14 18.04
C ALA C 419 -0.07 -25.44 17.06
N LEU C 420 1.14 -24.94 17.35
CA LEU C 420 2.28 -25.05 16.44
C LEU C 420 3.36 -25.98 16.99
N GLU C 421 4.49 -26.05 16.28
CA GLU C 421 5.63 -26.84 16.71
C GLU C 421 6.78 -25.94 17.16
#